data_1FYT
#
_entry.id   1FYT
#
_cell.length_a   142.902
_cell.length_b   73.439
_cell.length_c   122.428
_cell.angle_alpha   90.00
_cell.angle_beta   108.23
_cell.angle_gamma   90.00
#
_symmetry.space_group_name_H-M   'C 1 2 1'
#
loop_
_entity.id
_entity.type
_entity.pdbx_description
1 polymer 'HLA CLASS II HISTOCOMPATIBILITY ANTIGEN, DR ALPHA CHAIN'
2 polymer 'HLA CLASS II HISTOCOMPATIBILITY ANTIGEN, DR-1 BETA CHAIN'
3 polymer 'HEMAGGLUTININ HA1 PEPTIDE CHAIN'
4 polymer 'T-CELL RECEPTOR ALPHA CHAIN'
5 polymer 'T-CELL RECEPTOR BETA CHAIN'
6 non-polymer 2-acetamido-2-deoxy-beta-D-glucopyranose
7 water water
#
loop_
_entity_poly.entity_id
_entity_poly.type
_entity_poly.pdbx_seq_one_letter_code
_entity_poly.pdbx_strand_id
1 'polypeptide(L)'
;IKEEHVIIQAEFYLNPDQSGEFMFDFDGDEIFHVDMAKKETVWRLEEFGRFASFEAQGALANIAVDKANLEIMTKRSNYT
PITNVPPEVTVLTNSPVELREPNVLICFIDKFTPPVVNVTWLRNGKPVTTGVSETVFLPREDHLFRKFHYLPFLPSTEDV
YDCRVEHWGLDEPLLKHWEFD
;
A
2 'polypeptide(L)'
;GDTRPRFLWQLKFECHFFNGTERVRLLERCIYNQEESVRFDSDVGEYRAVTELGRPDAEYWNSQKDLLEQRRAAVDTYCR
HNYGVGESFTVQRRVEPKVTVYPSKTQPLQHHNLLVCSVSGFYPGSIEVRWFRNGQEEKAGVVSTGLIQNGDWTFQTLVM
LETVPRSGEVYTCQVEHPSVTSPLTVEWRARS
;
B
3 'polypeptide(L)' PKYVKQNTLKLAT C
4 'polypeptide(L)'
;QSVTQLGSHVSVSEGALVLLRCNYSSSVPPYLFWYVQYPNQGLQLLLKYTSAATLVKGINGFEAEFKKSETSFHLTKPSA
HMSDAAEYFCAVSESPFGNEKLTFGTGTRLTIIPNIQNPDPAVYQLRDSKSSDKSVCLFTDFDSQTNVSQSKDSDVYITD
KTVLDMRSMDFKSNSAVAWSNKSDFACANAFNNSIIPEDTFFPSPESSCDVK
;
D
5 'polypeptide(L)'
;KVTQSSRYLVKRTGEKVFLECVQDMDHENMFWYRQDPGLGLRLIYFSYDVKMKEKGDIPEGYSVSREKKERFSLILESAS
TNQTSMYLCASSSTGLPYGYTFGSGTRLTVVEDLNKVFPPEVAVFEPSEAEISHTQKATLVCLATGFFPDHVELSWWVNG
KEVHSGVSTDPQPLKEQPALNDSRYSLSSRLRVSATFWQNPRNHFRCQVQFYGLSENDEWTQDRAKPVTQIVSAEAWGRA
DCGFT
;
E
#
# COMPACT_ATOMS: atom_id res chain seq x y z
N LYS A 2 -9.70 -36.50 -6.13
CA LYS A 2 -8.98 -36.51 -7.44
C LYS A 2 -7.98 -35.34 -7.48
N GLU A 3 -7.03 -35.35 -6.54
CA GLU A 3 -5.99 -34.29 -6.42
C GLU A 3 -4.88 -34.21 -7.48
N GLU A 4 -4.39 -33.00 -7.71
CA GLU A 4 -3.32 -32.77 -8.68
C GLU A 4 -2.16 -31.87 -8.21
N HIS A 5 -2.46 -30.66 -7.75
CA HIS A 5 -1.41 -29.75 -7.26
C HIS A 5 -1.84 -28.91 -6.05
N VAL A 6 -0.86 -28.36 -5.34
CA VAL A 6 -1.13 -27.55 -4.16
C VAL A 6 -0.08 -26.47 -3.91
N ILE A 7 -0.54 -25.23 -3.79
CA ILE A 7 0.35 -24.11 -3.50
C ILE A 7 -0.01 -23.61 -2.11
N ILE A 8 0.99 -23.50 -1.24
CA ILE A 8 0.74 -23.06 0.10
C ILE A 8 1.55 -21.85 0.50
N GLN A 9 0.87 -20.84 1.02
CA GLN A 9 1.52 -19.64 1.50
C GLN A 9 1.57 -19.92 3.01
N ALA A 10 2.78 -20.12 3.54
CA ALA A 10 2.91 -20.43 4.96
C ALA A 10 3.73 -19.43 5.71
N GLU A 11 3.17 -18.95 6.83
CA GLU A 11 3.88 -18.00 7.68
C GLU A 11 3.67 -18.32 9.14
N PHE A 12 4.60 -17.87 9.97
CA PHE A 12 4.49 -18.10 11.40
C PHE A 12 5.25 -17.06 12.22
N TYR A 13 4.87 -16.93 13.48
CA TYR A 13 5.53 -16.03 14.42
C TYR A 13 5.55 -16.80 15.72
N LEU A 14 6.75 -16.93 16.29
CA LEU A 14 6.98 -17.68 17.53
C LEU A 14 7.31 -16.67 18.61
N ASN A 15 6.89 -16.90 19.87
CA ASN A 15 7.17 -15.78 20.73
C ASN A 15 8.39 -15.42 21.52
N PRO A 16 8.68 -16.02 22.73
CA PRO A 16 9.95 -15.46 23.30
C PRO A 16 10.95 -15.05 22.17
N ASP A 17 11.21 -16.04 21.30
CA ASP A 17 12.16 -15.85 20.26
C ASP A 17 12.04 -14.63 19.33
N GLN A 18 10.81 -14.18 19.10
CA GLN A 18 10.59 -13.08 18.20
C GLN A 18 11.11 -13.57 16.86
N SER A 19 10.57 -14.69 16.42
CA SER A 19 10.98 -15.26 15.16
C SER A 19 9.78 -15.46 14.25
N GLY A 20 9.91 -15.05 12.99
CA GLY A 20 8.82 -15.19 12.05
C GLY A 20 9.32 -15.53 10.67
N GLU A 21 8.51 -16.27 9.91
CA GLU A 21 8.89 -16.66 8.56
C GLU A 21 7.72 -16.63 7.60
N PHE A 22 8.04 -16.46 6.33
CA PHE A 22 7.05 -16.37 5.28
C PHE A 22 7.58 -17.07 4.04
N MET A 23 6.81 -18.00 3.51
CA MET A 23 7.28 -18.70 2.33
C MET A 23 6.15 -19.33 1.53
N PHE A 24 6.48 -19.66 0.29
CA PHE A 24 5.53 -20.29 -0.60
C PHE A 24 6.01 -21.70 -0.84
N ASP A 25 5.04 -22.61 -0.93
CA ASP A 25 5.36 -24.00 -1.13
C ASP A 25 4.55 -24.55 -2.31
N PHE A 26 5.16 -25.46 -3.06
CA PHE A 26 4.52 -26.09 -4.21
C PHE A 26 4.73 -27.60 -4.10
N ASP A 27 3.67 -28.33 -3.75
CA ASP A 27 3.75 -29.77 -3.62
C ASP A 27 4.91 -30.20 -2.74
N GLY A 28 5.07 -29.54 -1.60
CA GLY A 28 6.11 -29.92 -0.67
C GLY A 28 7.44 -29.22 -0.83
N ASP A 29 7.64 -28.49 -1.92
CA ASP A 29 8.89 -27.77 -2.12
C ASP A 29 8.78 -26.27 -1.96
N GLU A 30 9.82 -25.66 -1.38
CA GLU A 30 9.86 -24.23 -1.17
C GLU A 30 10.08 -23.53 -2.49
N ILE A 31 9.16 -22.63 -2.85
CA ILE A 31 9.33 -21.86 -4.09
C ILE A 31 10.24 -20.70 -3.73
N PHE A 32 9.93 -20.02 -2.63
CA PHE A 32 10.72 -18.89 -2.16
C PHE A 32 10.33 -18.59 -0.73
N HIS A 33 11.18 -17.83 -0.05
CA HIS A 33 10.88 -17.42 1.31
C HIS A 33 11.40 -16.00 1.39
N VAL A 34 10.89 -15.23 2.33
CA VAL A 34 11.30 -13.84 2.48
C VAL A 34 12.20 -13.68 3.71
N ASP A 35 13.36 -13.07 3.50
CA ASP A 35 14.29 -12.83 4.59
C ASP A 35 13.89 -11.53 5.25
N MET A 36 13.41 -11.60 6.48
CA MET A 36 12.96 -10.40 7.20
C MET A 36 14.03 -9.31 7.38
N ALA A 37 15.27 -9.73 7.67
CA ALA A 37 16.35 -8.78 7.89
C ALA A 37 16.71 -7.97 6.64
N LYS A 38 17.19 -8.64 5.59
CA LYS A 38 17.56 -7.94 4.37
C LYS A 38 16.32 -7.59 3.53
N LYS A 39 15.15 -7.88 4.07
CA LYS A 39 13.89 -7.61 3.39
C LYS A 39 13.90 -8.08 1.94
N GLU A 40 14.41 -9.27 1.67
CA GLU A 40 14.44 -9.73 0.29
C GLU A 40 13.82 -11.10 0.04
N THR A 41 13.39 -11.32 -1.19
CA THR A 41 12.79 -12.58 -1.58
C THR A 41 13.96 -13.49 -1.97
N VAL A 42 14.04 -14.65 -1.32
CA VAL A 42 15.09 -15.61 -1.60
C VAL A 42 14.51 -16.82 -2.33
N TRP A 43 14.83 -16.95 -3.61
CA TRP A 43 14.30 -18.10 -4.36
C TRP A 43 15.04 -19.39 -4.04
N ARG A 44 14.29 -20.48 -3.91
CA ARG A 44 14.87 -21.79 -3.60
C ARG A 44 15.87 -22.19 -4.67
N LEU A 45 15.50 -21.99 -5.93
CA LEU A 45 16.37 -22.27 -7.05
C LEU A 45 16.48 -20.94 -7.81
N GLU A 46 17.70 -20.49 -8.03
CA GLU A 46 17.92 -19.23 -8.72
C GLU A 46 17.15 -19.08 -10.02
N GLU A 47 17.07 -20.16 -10.79
CA GLU A 47 16.34 -20.12 -12.04
C GLU A 47 14.93 -19.53 -11.85
N PHE A 48 14.26 -19.89 -10.74
CA PHE A 48 12.91 -19.39 -10.45
C PHE A 48 12.86 -17.86 -10.51
N GLY A 49 13.81 -17.22 -9.83
CA GLY A 49 13.88 -15.77 -9.80
C GLY A 49 14.20 -15.11 -11.12
N ARG A 50 14.18 -15.88 -12.19
CA ARG A 50 14.46 -15.36 -13.52
C ARG A 50 13.13 -15.23 -14.23
N PHE A 51 12.16 -16.02 -13.77
CA PHE A 51 10.84 -16.02 -14.38
C PHE A 51 9.71 -15.47 -13.50
N ALA A 52 10.02 -15.07 -12.27
CA ALA A 52 8.99 -14.56 -11.38
C ALA A 52 9.52 -13.60 -10.34
N SER A 53 8.61 -12.89 -9.69
CA SER A 53 9.01 -11.95 -8.64
C SER A 53 7.99 -11.96 -7.51
N PHE A 54 8.31 -11.27 -6.43
CA PHE A 54 7.41 -11.16 -5.29
C PHE A 54 7.81 -9.99 -4.43
N GLU A 55 6.85 -9.12 -4.12
CA GLU A 55 7.12 -7.95 -3.30
C GLU A 55 7.30 -8.33 -1.82
N ALA A 56 8.57 -8.46 -1.42
CA ALA A 56 8.94 -8.84 -0.07
C ALA A 56 8.32 -7.99 1.04
N GLN A 57 8.27 -6.67 0.82
CA GLN A 57 7.72 -5.74 1.81
C GLN A 57 6.39 -6.29 2.30
N GLY A 58 5.62 -6.83 1.35
CA GLY A 58 4.30 -7.39 1.64
C GLY A 58 4.31 -8.46 2.70
N ALA A 59 5.41 -9.19 2.78
CA ALA A 59 5.52 -10.23 3.78
C ALA A 59 5.74 -9.56 5.12
N LEU A 60 6.63 -8.56 5.15
CA LEU A 60 6.92 -7.83 6.39
C LEU A 60 5.59 -7.33 6.96
N ALA A 61 4.66 -6.97 6.09
CA ALA A 61 3.37 -6.47 6.53
C ALA A 61 2.53 -7.55 7.21
N ASN A 62 2.46 -8.74 6.62
CA ASN A 62 1.71 -9.85 7.20
C ASN A 62 2.29 -10.23 8.55
N ILE A 63 3.61 -10.31 8.64
CA ILE A 63 4.28 -10.66 9.87
C ILE A 63 3.93 -9.68 10.99
N ALA A 64 3.81 -8.39 10.65
CA ALA A 64 3.48 -7.41 11.67
C ALA A 64 2.10 -7.71 12.21
N VAL A 65 1.20 -8.17 11.36
CA VAL A 65 -0.14 -8.50 11.81
C VAL A 65 -0.14 -9.85 12.54
N ASP A 66 0.77 -10.73 12.17
CA ASP A 66 0.84 -12.03 12.85
C ASP A 66 1.37 -11.79 14.25
N LYS A 67 2.26 -10.81 14.40
CA LYS A 67 2.81 -10.48 15.71
C LYS A 67 1.65 -10.11 16.61
N ALA A 68 0.80 -9.20 16.14
CA ALA A 68 -0.35 -8.76 16.91
C ALA A 68 -1.33 -9.90 17.18
N ASN A 69 -1.51 -10.81 16.21
CA ASN A 69 -2.43 -11.93 16.38
C ASN A 69 -1.95 -12.96 17.40
N LEU A 70 -0.63 -13.19 17.42
CA LEU A 70 -0.07 -14.12 18.38
C LEU A 70 -0.33 -13.64 19.81
N GLU A 71 -0.18 -12.35 20.05
CA GLU A 71 -0.42 -11.78 21.37
C GLU A 71 -1.88 -11.94 21.78
N ILE A 72 -2.78 -11.67 20.83
CA ILE A 72 -4.20 -11.79 21.10
C ILE A 72 -4.57 -13.23 21.43
N MET A 73 -4.03 -14.18 20.66
CA MET A 73 -4.33 -15.59 20.90
C MET A 73 -3.69 -16.09 22.19
N THR A 74 -2.51 -15.59 22.49
CA THR A 74 -1.84 -16.01 23.72
C THR A 74 -2.75 -15.66 24.90
N LYS A 75 -3.25 -14.42 24.93
CA LYS A 75 -4.14 -14.00 26.02
C LYS A 75 -5.48 -14.74 25.98
N ARG A 76 -6.01 -14.95 24.79
CA ARG A 76 -7.28 -15.63 24.67
C ARG A 76 -7.17 -17.02 25.27
N SER A 77 -6.01 -17.66 25.09
CA SER A 77 -5.78 -19.01 25.63
C SER A 77 -5.22 -18.95 27.06
N ASN A 78 -5.17 -17.75 27.62
CA ASN A 78 -4.66 -17.51 28.97
C ASN A 78 -3.24 -18.03 29.09
N TYR A 79 -2.38 -17.51 28.24
CA TYR A 79 -0.97 -17.87 28.23
C TYR A 79 -0.69 -19.36 28.31
N THR A 80 -1.31 -20.11 27.41
CA THR A 80 -1.13 -21.56 27.34
C THR A 80 0.03 -21.80 26.37
N PRO A 81 1.14 -22.38 26.87
CA PRO A 81 2.34 -22.68 26.08
C PRO A 81 2.16 -23.77 25.04
N ILE A 82 2.97 -23.72 24.00
CA ILE A 82 2.91 -24.75 22.98
C ILE A 82 3.53 -26.00 23.58
N THR A 83 3.07 -27.16 23.12
CA THR A 83 3.61 -28.43 23.59
C THR A 83 4.70 -28.86 22.62
N ASN A 84 5.89 -29.16 23.12
CA ASN A 84 6.98 -29.59 22.24
C ASN A 84 6.74 -30.98 21.64
N VAL A 85 7.18 -31.17 20.40
CA VAL A 85 7.10 -32.45 19.69
C VAL A 85 8.49 -32.61 19.05
N PRO A 86 9.29 -33.56 19.55
CA PRO A 86 10.65 -33.84 19.06
C PRO A 86 10.74 -34.17 17.59
N PRO A 87 11.90 -33.94 16.99
CA PRO A 87 12.13 -34.23 15.57
C PRO A 87 12.42 -35.71 15.35
N GLU A 88 12.31 -36.12 14.08
CA GLU A 88 12.58 -37.46 13.63
C GLU A 88 13.72 -37.08 12.71
N VAL A 89 14.92 -37.60 12.94
CA VAL A 89 16.04 -37.24 12.07
C VAL A 89 16.52 -38.39 11.20
N THR A 90 16.91 -38.05 9.98
CA THR A 90 17.37 -39.00 9.01
C THR A 90 18.54 -38.40 8.26
N VAL A 91 19.52 -39.23 7.91
CA VAL A 91 20.67 -38.76 7.15
C VAL A 91 20.82 -39.67 5.95
N LEU A 92 21.00 -39.09 4.78
CA LEU A 92 21.15 -39.87 3.58
C LEU A 92 21.88 -39.01 2.57
N THR A 93 22.39 -39.61 1.50
CA THR A 93 23.10 -38.83 0.51
C THR A 93 22.24 -38.55 -0.70
N ASN A 94 22.67 -37.59 -1.50
CA ASN A 94 21.93 -37.18 -2.69
C ASN A 94 21.81 -38.33 -3.68
N SER A 95 22.91 -39.03 -3.90
CA SER A 95 22.92 -40.16 -4.80
C SER A 95 23.83 -41.26 -4.23
N PRO A 96 23.95 -42.40 -4.92
CA PRO A 96 24.82 -43.48 -4.44
C PRO A 96 26.26 -42.98 -4.31
N VAL A 97 26.91 -43.36 -3.22
CA VAL A 97 28.27 -42.92 -2.95
C VAL A 97 29.37 -43.71 -3.65
N GLU A 98 30.32 -42.99 -4.24
CA GLU A 98 31.47 -43.55 -4.93
C GLU A 98 32.69 -42.79 -4.43
N LEU A 99 33.68 -43.52 -3.91
CA LEU A 99 34.88 -42.88 -3.41
C LEU A 99 35.42 -41.90 -4.46
N ARG A 100 35.96 -40.78 -4.00
CA ARG A 100 36.53 -39.77 -4.88
C ARG A 100 35.48 -38.97 -5.69
N GLU A 101 34.21 -39.32 -5.56
CA GLU A 101 33.17 -38.61 -6.31
C GLU A 101 32.27 -37.72 -5.45
N PRO A 102 32.32 -36.40 -5.66
CA PRO A 102 31.52 -35.42 -4.92
C PRO A 102 30.06 -35.83 -4.75
N ASN A 103 29.57 -35.75 -3.51
CA ASN A 103 28.20 -36.09 -3.19
C ASN A 103 27.72 -35.06 -2.17
N VAL A 104 26.56 -35.30 -1.57
CA VAL A 104 26.00 -34.36 -0.60
C VAL A 104 25.25 -35.11 0.48
N LEU A 105 25.57 -34.83 1.73
CA LEU A 105 24.90 -35.47 2.86
C LEU A 105 23.68 -34.63 3.15
N ILE A 106 22.55 -35.28 3.33
CA ILE A 106 21.33 -34.58 3.62
C ILE A 106 20.84 -34.99 5.00
N CYS A 107 20.63 -34.00 5.86
CA CYS A 107 20.14 -34.28 7.21
C CYS A 107 18.71 -33.75 7.17
N PHE A 108 17.76 -34.65 7.33
CA PHE A 108 16.34 -34.31 7.26
C PHE A 108 15.66 -34.36 8.63
N ILE A 109 15.28 -33.19 9.13
CA ILE A 109 14.61 -33.05 10.42
C ILE A 109 13.13 -32.93 10.11
N ASP A 110 12.30 -33.77 10.72
CA ASP A 110 10.89 -33.77 10.41
C ASP A 110 9.98 -33.97 11.61
N LYS A 111 8.73 -33.53 11.47
CA LYS A 111 7.68 -33.67 12.49
C LYS A 111 7.98 -33.11 13.89
N PHE A 112 8.39 -31.84 13.96
CA PHE A 112 8.69 -31.22 15.23
C PHE A 112 8.10 -29.80 15.35
N THR A 113 8.01 -29.30 16.57
CA THR A 113 7.53 -27.94 16.85
C THR A 113 7.83 -27.64 18.32
N PRO A 114 8.11 -26.36 18.67
CA PRO A 114 8.21 -25.16 17.82
C PRO A 114 9.35 -25.17 16.82
N PRO A 115 9.33 -24.20 15.89
CA PRO A 115 10.32 -24.01 14.82
C PRO A 115 11.68 -23.52 15.30
N VAL A 116 12.31 -24.28 16.19
CA VAL A 116 13.61 -23.88 16.71
C VAL A 116 14.49 -25.09 16.86
N VAL A 117 15.57 -25.14 16.07
CA VAL A 117 16.49 -26.28 16.16
C VAL A 117 17.94 -25.86 15.99
N ASN A 118 18.84 -26.60 16.65
CA ASN A 118 20.29 -26.39 16.52
C ASN A 118 20.77 -27.61 15.73
N VAL A 119 21.42 -27.38 14.59
CA VAL A 119 21.89 -28.48 13.76
C VAL A 119 23.37 -28.38 13.47
N THR A 120 24.12 -29.38 13.91
CA THR A 120 25.55 -29.37 13.68
C THR A 120 26.03 -30.63 12.96
N TRP A 121 26.79 -30.43 11.90
CA TRP A 121 27.36 -31.54 11.14
C TRP A 121 28.70 -31.83 11.82
N LEU A 122 29.01 -33.10 12.01
CA LEU A 122 30.26 -33.48 12.64
C LEU A 122 31.01 -34.49 11.77
N ARG A 123 32.25 -34.15 11.40
CA ARG A 123 33.05 -35.08 10.63
C ARG A 123 34.11 -35.61 11.58
N ASN A 124 34.02 -36.91 11.90
CA ASN A 124 34.96 -37.55 12.81
C ASN A 124 34.93 -36.83 14.16
N GLY A 125 33.74 -36.41 14.59
CA GLY A 125 33.62 -35.73 15.87
C GLY A 125 33.72 -34.21 15.86
N LYS A 126 34.47 -33.67 14.91
CA LYS A 126 34.63 -32.22 14.84
C LYS A 126 33.63 -31.53 13.89
N PRO A 127 33.20 -30.31 14.26
CA PRO A 127 32.25 -29.49 13.50
C PRO A 127 32.70 -29.19 12.07
N VAL A 128 31.73 -29.14 11.17
CA VAL A 128 31.99 -28.85 9.77
C VAL A 128 31.00 -27.79 9.31
N THR A 129 31.50 -26.68 8.78
CA THR A 129 30.60 -25.62 8.32
C THR A 129 30.81 -25.19 6.88
N THR A 130 32.01 -25.39 6.35
CA THR A 130 32.26 -24.98 4.98
C THR A 130 31.35 -25.73 4.01
N GLY A 131 30.72 -24.95 3.13
CA GLY A 131 29.81 -25.52 2.14
C GLY A 131 28.40 -25.87 2.60
N VAL A 132 28.17 -25.96 3.90
CA VAL A 132 26.85 -26.32 4.41
C VAL A 132 25.75 -25.31 4.07
N SER A 133 24.51 -25.78 4.06
CA SER A 133 23.36 -24.94 3.78
C SER A 133 22.13 -25.61 4.37
N GLU A 134 21.02 -24.86 4.44
CA GLU A 134 19.78 -25.37 5.02
C GLU A 134 18.59 -24.67 4.42
N THR A 135 17.39 -25.16 4.75
CA THR A 135 16.15 -24.58 4.28
C THR A 135 15.49 -23.91 5.46
N VAL A 136 14.42 -23.18 5.19
CA VAL A 136 13.67 -22.53 6.25
C VAL A 136 12.76 -23.63 6.79
N PHE A 137 12.01 -23.36 7.85
CA PHE A 137 11.13 -24.38 8.39
C PHE A 137 9.95 -24.55 7.45
N LEU A 138 9.86 -25.72 6.82
CA LEU A 138 8.81 -26.03 5.86
C LEU A 138 7.54 -26.58 6.50
N PRO A 139 6.38 -26.36 5.86
CA PRO A 139 5.03 -26.78 6.27
C PRO A 139 4.77 -28.29 6.22
N ARG A 140 3.89 -28.75 7.10
CA ARG A 140 3.47 -30.15 7.15
C ARG A 140 1.95 -30.08 7.31
N GLU A 141 1.24 -31.08 6.83
CA GLU A 141 -0.21 -31.08 6.94
C GLU A 141 -0.74 -31.16 8.37
N ASP A 142 0.09 -31.62 9.31
CA ASP A 142 -0.31 -31.71 10.70
C ASP A 142 0.18 -30.50 11.45
N HIS A 143 0.71 -29.54 10.70
CA HIS A 143 1.24 -28.27 11.21
C HIS A 143 2.57 -28.33 11.96
N LEU A 144 3.24 -29.47 11.90
CA LEU A 144 4.56 -29.60 12.53
C LEU A 144 5.48 -29.10 11.43
N PHE A 145 6.80 -29.13 11.63
CA PHE A 145 7.70 -28.63 10.61
C PHE A 145 8.68 -29.63 10.03
N ARG A 146 9.32 -29.24 8.93
CA ARG A 146 10.34 -30.02 8.23
C ARG A 146 11.53 -29.09 7.99
N LYS A 147 12.72 -29.66 7.88
CA LYS A 147 13.90 -28.85 7.66
C LYS A 147 14.99 -29.72 7.05
N PHE A 148 15.78 -29.14 6.15
CA PHE A 148 16.85 -29.85 5.49
C PHE A 148 18.18 -29.13 5.69
N HIS A 149 19.22 -29.90 5.97
CA HIS A 149 20.57 -29.38 6.11
C HIS A 149 21.40 -30.18 5.13
N TYR A 150 22.25 -29.48 4.39
CA TYR A 150 23.08 -30.10 3.38
C TYR A 150 24.56 -29.93 3.64
N LEU A 151 25.33 -30.98 3.34
CA LEU A 151 26.78 -30.94 3.49
C LEU A 151 27.46 -31.58 2.29
N PRO A 152 27.99 -30.75 1.39
CA PRO A 152 28.67 -31.28 0.21
C PRO A 152 29.92 -31.96 0.74
N PHE A 153 30.31 -33.09 0.18
CA PHE A 153 31.50 -33.76 0.66
C PHE A 153 32.11 -34.73 -0.34
N LEU A 154 33.36 -35.13 -0.08
CA LEU A 154 34.05 -36.08 -0.92
C LEU A 154 34.07 -37.36 -0.14
N PRO A 155 33.39 -38.39 -0.63
CA PRO A 155 33.34 -39.68 0.06
C PRO A 155 34.75 -40.23 0.26
N SER A 156 34.96 -40.92 1.38
CA SER A 156 36.26 -41.52 1.65
C SER A 156 36.07 -42.66 2.66
N THR A 157 37.02 -43.59 2.66
CA THR A 157 36.96 -44.72 3.57
C THR A 157 37.39 -44.23 4.94
N GLU A 158 38.10 -43.10 4.96
CA GLU A 158 38.62 -42.52 6.20
C GLU A 158 37.76 -41.52 7.00
N ASP A 159 36.58 -41.16 6.49
CA ASP A 159 35.76 -40.18 7.19
C ASP A 159 34.40 -40.67 7.71
N VAL A 160 34.03 -40.14 8.86
CA VAL A 160 32.78 -40.46 9.51
C VAL A 160 31.91 -39.21 9.69
N TYR A 161 30.61 -39.35 9.56
CA TYR A 161 29.74 -38.19 9.72
C TYR A 161 28.58 -38.40 10.67
N ASP A 162 28.23 -37.34 11.38
CA ASP A 162 27.11 -37.35 12.33
C ASP A 162 26.35 -36.04 12.16
N CYS A 163 25.02 -36.11 12.25
CA CYS A 163 24.19 -34.91 12.17
C CYS A 163 23.69 -34.76 13.59
N ARG A 164 24.05 -33.66 14.24
CA ARG A 164 23.60 -33.43 15.61
C ARG A 164 22.41 -32.46 15.66
N VAL A 165 21.32 -32.93 16.24
CA VAL A 165 20.11 -32.11 16.33
C VAL A 165 19.62 -31.87 17.77
N GLU A 166 19.51 -30.59 18.13
CA GLU A 166 19.04 -30.17 19.44
C GLU A 166 17.67 -29.51 19.32
N HIS A 167 16.74 -29.94 20.16
CA HIS A 167 15.38 -29.40 20.14
C HIS A 167 14.81 -29.48 21.54
N TRP A 168 14.02 -28.48 21.94
CA TRP A 168 13.46 -28.46 23.28
C TRP A 168 12.61 -29.69 23.60
N GLY A 169 12.27 -30.47 22.58
CA GLY A 169 11.46 -31.65 22.79
C GLY A 169 12.27 -32.91 23.08
N LEU A 170 13.58 -32.83 22.88
CA LEU A 170 14.45 -33.97 23.14
C LEU A 170 15.09 -33.84 24.51
N ASP A 171 15.35 -34.97 25.17
CA ASP A 171 15.98 -34.95 26.48
C ASP A 171 17.45 -34.66 26.29
N GLU A 172 18.00 -35.12 25.16
CA GLU A 172 19.41 -34.89 24.86
C GLU A 172 19.62 -34.80 23.36
N PRO A 173 20.70 -34.12 22.93
CA PRO A 173 21.00 -33.97 21.51
C PRO A 173 20.82 -35.28 20.76
N LEU A 174 20.44 -35.20 19.49
CA LEU A 174 20.24 -36.38 18.68
C LEU A 174 21.32 -36.49 17.62
N LEU A 175 22.03 -37.62 17.62
CA LEU A 175 23.09 -37.84 16.65
C LEU A 175 22.73 -38.90 15.61
N LYS A 176 22.69 -38.50 14.34
CA LYS A 176 22.40 -39.46 13.28
C LYS A 176 23.69 -39.68 12.52
N HIS A 177 24.08 -40.95 12.41
CA HIS A 177 25.33 -41.37 11.80
C HIS A 177 25.32 -41.80 10.32
N TRP A 178 26.40 -41.49 9.60
CA TRP A 178 26.55 -41.92 8.21
C TRP A 178 28.01 -42.21 7.91
N GLU A 179 28.23 -43.26 7.11
CA GLU A 179 29.57 -43.64 6.69
C GLU A 179 29.55 -44.48 5.42
N PHE A 180 30.61 -44.39 4.63
CA PHE A 180 30.72 -45.16 3.41
C PHE A 180 30.69 -46.65 3.78
N ASP A 181 29.82 -47.42 3.15
CA ASP A 181 29.77 -48.86 3.46
C ASP A 181 30.83 -49.59 2.65
N THR B 3 13.95 -24.19 27.80
CA THR B 3 13.96 -22.84 28.44
C THR B 3 12.55 -22.51 28.98
N ARG B 4 12.02 -21.38 28.55
CA ARG B 4 10.72 -20.87 28.95
C ARG B 4 9.63 -21.06 27.86
N PRO B 5 8.35 -20.94 28.23
CA PRO B 5 7.16 -21.08 27.38
C PRO B 5 7.21 -20.44 26.01
N ARG B 6 6.80 -21.17 24.99
CA ARG B 6 6.75 -20.59 23.65
C ARG B 6 5.30 -20.54 23.22
N PHE B 7 5.00 -19.57 22.36
CA PHE B 7 3.67 -19.42 21.82
C PHE B 7 3.85 -19.28 20.32
N LEU B 8 3.10 -20.07 19.57
CA LEU B 8 3.21 -20.06 18.14
C LEU B 8 1.94 -19.76 17.37
N TRP B 9 2.08 -18.89 16.38
CA TRP B 9 0.98 -18.51 15.51
C TRP B 9 1.39 -18.90 14.10
N GLN B 10 0.54 -19.69 13.44
CA GLN B 10 0.78 -20.16 12.07
C GLN B 10 -0.41 -19.84 11.19
N LEU B 11 -0.11 -19.43 9.97
CA LEU B 11 -1.15 -19.10 9.03
C LEU B 11 -0.82 -19.76 7.70
N LYS B 12 -1.81 -20.44 7.14
CA LYS B 12 -1.65 -21.13 5.87
C LYS B 12 -2.77 -20.78 4.91
N PHE B 13 -2.41 -20.50 3.68
CA PHE B 13 -3.38 -20.24 2.62
C PHE B 13 -3.06 -21.34 1.64
N GLU B 14 -3.96 -22.29 1.51
CA GLU B 14 -3.74 -23.43 0.64
C GLU B 14 -4.61 -23.38 -0.60
N CYS B 15 -3.98 -23.40 -1.77
CA CYS B 15 -4.73 -23.42 -3.02
C CYS B 15 -4.62 -24.83 -3.61
N HIS B 16 -5.75 -25.51 -3.73
CA HIS B 16 -5.77 -26.86 -4.29
C HIS B 16 -6.29 -26.80 -5.73
N PHE B 17 -5.50 -27.29 -6.68
CA PHE B 17 -5.89 -27.29 -8.10
C PHE B 17 -6.14 -28.70 -8.61
N PHE B 18 -7.26 -28.89 -9.31
CA PHE B 18 -7.59 -30.18 -9.89
C PHE B 18 -7.78 -30.02 -11.39
N ASN B 19 -6.92 -30.68 -12.17
CA ASN B 19 -7.01 -30.58 -13.62
C ASN B 19 -6.80 -29.12 -14.03
N GLY B 20 -5.56 -28.66 -13.93
CA GLY B 20 -5.24 -27.28 -14.26
C GLY B 20 -5.90 -26.34 -13.27
N THR B 21 -6.75 -25.45 -13.76
CA THR B 21 -7.46 -24.52 -12.90
C THR B 21 -8.96 -24.61 -13.17
N GLU B 22 -9.41 -25.79 -13.60
CA GLU B 22 -10.83 -25.99 -13.88
C GLU B 22 -11.58 -26.07 -12.55
N ARG B 23 -10.89 -26.57 -11.53
CA ARG B 23 -11.47 -26.68 -10.20
C ARG B 23 -10.41 -26.18 -9.24
N VAL B 24 -10.79 -25.26 -8.36
CA VAL B 24 -9.83 -24.69 -7.42
C VAL B 24 -10.50 -24.51 -6.07
N ARG B 25 -9.80 -24.93 -5.03
CA ARG B 25 -10.32 -24.83 -3.68
C ARG B 25 -9.31 -24.04 -2.85
N LEU B 26 -9.77 -22.97 -2.20
CA LEU B 26 -8.90 -22.15 -1.35
C LEU B 26 -9.21 -22.42 0.11
N LEU B 27 -8.18 -22.67 0.89
CA LEU B 27 -8.37 -22.93 2.32
C LEU B 27 -7.45 -22.03 3.16
N GLU B 28 -8.05 -21.13 3.92
CA GLU B 28 -7.30 -20.21 4.79
C GLU B 28 -7.33 -20.82 6.19
N ARG B 29 -6.16 -21.06 6.78
CA ARG B 29 -6.08 -21.68 8.11
C ARG B 29 -5.30 -20.91 9.16
N CYS B 30 -5.91 -20.72 10.33
CA CYS B 30 -5.25 -20.05 11.45
C CYS B 30 -4.89 -21.13 12.46
N ILE B 31 -3.62 -21.21 12.83
CA ILE B 31 -3.19 -22.23 13.79
C ILE B 31 -2.44 -21.67 15.00
N TYR B 32 -2.97 -21.92 16.20
CA TYR B 32 -2.34 -21.48 17.44
C TYR B 32 -1.73 -22.70 18.13
N ASN B 33 -0.43 -22.64 18.43
CA ASN B 33 0.25 -23.76 19.06
C ASN B 33 -0.12 -25.10 18.41
N GLN B 34 -0.03 -25.15 17.08
CA GLN B 34 -0.31 -26.36 16.30
C GLN B 34 -1.77 -26.82 16.22
N GLU B 35 -2.67 -26.07 16.83
CA GLU B 35 -4.07 -26.44 16.78
C GLU B 35 -4.83 -25.40 15.93
N GLU B 36 -5.37 -25.87 14.81
CA GLU B 36 -6.13 -25.01 13.90
C GLU B 36 -7.35 -24.50 14.66
N SER B 37 -7.54 -23.20 14.70
CA SER B 37 -8.69 -22.66 15.43
C SER B 37 -9.83 -22.19 14.53
N VAL B 38 -9.51 -21.59 13.39
CA VAL B 38 -10.56 -21.13 12.48
C VAL B 38 -10.11 -21.18 11.02
N ARG B 39 -11.06 -21.42 10.12
CA ARG B 39 -10.71 -21.48 8.70
C ARG B 39 -11.80 -21.00 7.75
N PHE B 40 -11.36 -20.57 6.57
CA PHE B 40 -12.25 -20.18 5.50
C PHE B 40 -12.01 -21.23 4.40
N ASP B 41 -13.07 -21.93 4.01
CA ASP B 41 -12.97 -22.94 2.97
C ASP B 41 -13.80 -22.40 1.79
N SER B 42 -13.16 -22.17 0.65
CA SER B 42 -13.88 -21.65 -0.51
C SER B 42 -15.12 -22.47 -0.88
N ASP B 43 -15.17 -23.74 -0.53
CA ASP B 43 -16.35 -24.50 -0.90
C ASP B 43 -17.46 -24.35 0.13
N VAL B 44 -17.17 -23.66 1.23
CA VAL B 44 -18.18 -23.42 2.24
C VAL B 44 -18.67 -21.98 2.07
N GLY B 45 -17.75 -21.08 1.73
CA GLY B 45 -18.14 -19.70 1.51
C GLY B 45 -17.97 -18.71 2.65
N GLU B 46 -17.59 -19.19 3.83
CA GLU B 46 -17.38 -18.32 4.98
C GLU B 46 -16.53 -19.00 6.05
N TYR B 47 -16.04 -18.21 7.00
CA TYR B 47 -15.20 -18.73 8.08
C TYR B 47 -15.99 -19.60 9.04
N ARG B 48 -15.31 -20.62 9.57
CA ARG B 48 -15.93 -21.53 10.53
C ARG B 48 -14.88 -21.82 11.60
N ALA B 49 -15.33 -21.96 12.85
CA ALA B 49 -14.38 -22.24 13.90
C ALA B 49 -14.11 -23.72 13.83
N VAL B 50 -12.86 -24.11 14.12
CA VAL B 50 -12.47 -25.50 14.13
C VAL B 50 -12.42 -25.92 15.60
N THR B 51 -12.03 -25.00 16.48
CA THR B 51 -12.00 -25.24 17.92
C THR B 51 -12.72 -24.05 18.51
N GLU B 52 -13.20 -24.17 19.74
CA GLU B 52 -13.92 -23.09 20.38
C GLU B 52 -13.10 -21.79 20.46
N LEU B 53 -11.77 -21.88 20.47
CA LEU B 53 -10.93 -20.70 20.54
C LEU B 53 -11.07 -19.79 19.32
N GLY B 54 -11.50 -20.36 18.20
CA GLY B 54 -11.63 -19.59 16.99
C GLY B 54 -13.00 -19.00 16.72
N ARG B 55 -14.00 -19.30 17.54
CA ARG B 55 -15.34 -18.78 17.30
C ARG B 55 -15.39 -17.25 17.22
N PRO B 56 -14.73 -16.54 18.15
CA PRO B 56 -14.75 -15.08 18.11
C PRO B 56 -14.32 -14.57 16.74
N ASP B 57 -13.29 -15.18 16.19
CA ASP B 57 -12.77 -14.78 14.88
C ASP B 57 -13.74 -15.14 13.76
N ALA B 58 -14.36 -16.31 13.83
CA ALA B 58 -15.30 -16.70 12.80
C ALA B 58 -16.47 -15.72 12.81
N GLU B 59 -17.03 -15.47 13.98
CA GLU B 59 -18.16 -14.55 14.12
C GLU B 59 -17.81 -13.16 13.60
N TYR B 60 -16.67 -12.67 14.02
CA TYR B 60 -16.20 -11.34 13.65
C TYR B 60 -15.94 -11.20 12.14
N TRP B 61 -15.11 -12.06 11.57
CA TRP B 61 -14.84 -11.96 10.15
C TRP B 61 -16.08 -12.21 9.28
N ASN B 62 -16.93 -13.17 9.64
CA ASN B 62 -18.12 -13.41 8.82
C ASN B 62 -19.09 -12.22 8.82
N SER B 63 -18.95 -11.33 9.79
CA SER B 63 -19.84 -10.17 9.88
C SER B 63 -19.44 -9.03 8.94
N GLN B 64 -18.31 -9.14 8.26
CA GLN B 64 -17.85 -8.09 7.36
C GLN B 64 -17.95 -8.47 5.90
N LYS B 65 -19.04 -7.99 5.30
CA LYS B 65 -19.38 -8.25 3.90
C LYS B 65 -18.25 -8.10 2.90
N ASP B 66 -17.38 -7.13 3.11
CA ASP B 66 -16.28 -6.91 2.18
C ASP B 66 -15.18 -7.95 2.30
N LEU B 67 -14.92 -8.37 3.53
CA LEU B 67 -13.91 -9.38 3.79
C LEU B 67 -14.32 -10.68 3.11
N LEU B 68 -15.59 -11.08 3.29
CA LEU B 68 -16.08 -12.31 2.68
C LEU B 68 -16.08 -12.22 1.16
N GLU B 69 -16.29 -10.99 0.69
CA GLU B 69 -16.33 -10.72 -0.72
C GLU B 69 -14.96 -11.02 -1.34
N GLN B 70 -13.91 -10.45 -0.76
CA GLN B 70 -12.57 -10.65 -1.25
C GLN B 70 -12.15 -12.13 -1.22
N ARG B 71 -12.41 -12.80 -0.09
CA ARG B 71 -12.04 -14.21 0.08
C ARG B 71 -12.71 -15.13 -0.93
N ARG B 72 -13.97 -14.88 -1.22
CA ARG B 72 -14.70 -15.71 -2.16
C ARG B 72 -14.17 -15.57 -3.58
N ALA B 73 -13.48 -14.46 -3.85
CA ALA B 73 -12.91 -14.21 -5.16
C ALA B 73 -11.41 -14.47 -5.18
N ALA B 74 -10.86 -14.89 -4.05
CA ALA B 74 -9.43 -15.15 -3.96
C ALA B 74 -9.06 -16.36 -4.82
N VAL B 75 -10.02 -17.28 -4.99
CA VAL B 75 -9.81 -18.47 -5.81
C VAL B 75 -9.32 -18.02 -7.19
N ASP B 76 -9.75 -16.83 -7.61
CA ASP B 76 -9.38 -16.25 -8.89
C ASP B 76 -8.27 -15.21 -8.83
N THR B 77 -8.36 -14.32 -7.87
CA THR B 77 -7.38 -13.25 -7.74
C THR B 77 -6.11 -13.70 -7.06
N TYR B 78 -6.16 -14.85 -6.41
CA TYR B 78 -5.02 -15.35 -5.68
C TYR B 78 -4.50 -16.67 -6.23
N CYS B 79 -5.31 -17.71 -6.10
CA CYS B 79 -4.96 -19.02 -6.55
C CYS B 79 -4.66 -19.10 -8.05
N ARG B 80 -5.69 -19.01 -8.88
CA ARG B 80 -5.48 -19.10 -10.32
C ARG B 80 -4.39 -18.15 -10.79
N HIS B 81 -4.25 -17.00 -10.14
CA HIS B 81 -3.20 -16.08 -10.57
C HIS B 81 -1.80 -16.62 -10.30
N ASN B 82 -1.56 -17.13 -9.09
CA ASN B 82 -0.22 -17.63 -8.76
C ASN B 82 0.13 -18.92 -9.50
N TYR B 83 -0.88 -19.71 -9.86
CA TYR B 83 -0.68 -20.93 -10.61
C TYR B 83 -0.05 -20.58 -11.95
N GLY B 84 -0.64 -19.59 -12.61
CA GLY B 84 -0.14 -19.16 -13.90
C GLY B 84 1.26 -18.57 -13.81
N VAL B 85 1.59 -17.97 -12.67
CA VAL B 85 2.92 -17.37 -12.48
C VAL B 85 4.07 -18.38 -12.45
N GLY B 86 3.88 -19.51 -11.78
CA GLY B 86 4.95 -20.49 -11.70
C GLY B 86 4.79 -21.71 -12.59
N GLU B 87 3.73 -21.72 -13.40
CA GLU B 87 3.47 -22.85 -14.28
C GLU B 87 4.71 -23.32 -15.03
N SER B 88 5.43 -22.41 -15.69
CA SER B 88 6.60 -22.80 -16.45
C SER B 88 7.70 -23.53 -15.65
N PHE B 89 7.92 -23.14 -14.39
CA PHE B 89 8.96 -23.78 -13.61
C PHE B 89 8.49 -24.73 -12.51
N THR B 90 7.18 -24.88 -12.36
CA THR B 90 6.65 -25.77 -11.34
C THR B 90 5.87 -26.93 -11.95
N VAL B 91 4.63 -26.69 -12.34
CA VAL B 91 3.79 -27.72 -12.93
C VAL B 91 4.45 -28.39 -14.13
N GLN B 92 5.37 -27.68 -14.77
CA GLN B 92 6.03 -28.19 -15.95
C GLN B 92 7.51 -28.53 -15.79
N ARG B 93 8.01 -28.47 -14.57
CA ARG B 93 9.40 -28.81 -14.31
C ARG B 93 9.61 -30.30 -14.60
N ARG B 94 10.71 -30.63 -15.25
CA ARG B 94 11.04 -32.02 -15.58
C ARG B 94 12.53 -32.27 -15.53
N VAL B 95 12.95 -33.16 -14.63
CA VAL B 95 14.36 -33.50 -14.51
C VAL B 95 14.40 -35.01 -14.58
N GLU B 96 15.22 -35.54 -15.50
CA GLU B 96 15.34 -36.98 -15.70
C GLU B 96 16.06 -37.68 -14.55
N PRO B 97 15.67 -38.94 -14.28
CA PRO B 97 16.26 -39.77 -13.23
C PRO B 97 17.61 -40.32 -13.64
N LYS B 98 18.54 -40.37 -12.70
CA LYS B 98 19.85 -40.95 -12.95
C LYS B 98 19.61 -42.37 -12.44
N VAL B 99 19.88 -43.38 -13.25
CA VAL B 99 19.65 -44.74 -12.81
C VAL B 99 20.96 -45.52 -12.71
N THR B 100 21.15 -46.21 -11.60
CA THR B 100 22.34 -47.01 -11.42
C THR B 100 21.89 -48.27 -10.72
N VAL B 101 22.52 -49.39 -11.07
CA VAL B 101 22.19 -50.67 -10.46
C VAL B 101 23.43 -51.26 -9.81
N TYR B 102 23.27 -51.78 -8.60
CA TYR B 102 24.40 -52.39 -7.91
C TYR B 102 23.90 -53.41 -6.87
N PRO B 103 24.77 -54.37 -6.49
CA PRO B 103 24.58 -55.47 -5.54
C PRO B 103 24.56 -55.06 -4.07
N SER B 104 23.90 -55.90 -3.27
CA SER B 104 23.82 -55.70 -1.82
C SER B 104 23.04 -56.80 -1.10
N LEU B 114 20.54 -59.20 -2.67
CA LEU B 114 19.93 -57.92 -3.02
C LEU B 114 20.49 -57.23 -4.27
N LEU B 115 19.58 -56.77 -5.12
CA LEU B 115 19.97 -56.03 -6.31
C LEU B 115 19.32 -54.67 -6.08
N VAL B 116 20.11 -53.61 -6.10
CA VAL B 116 19.54 -52.30 -5.83
C VAL B 116 19.44 -51.44 -7.05
N CYS B 117 18.26 -50.90 -7.28
CA CYS B 117 18.08 -50.00 -8.40
C CYS B 117 17.92 -48.60 -7.79
N SER B 118 18.93 -47.76 -7.98
CA SER B 118 18.86 -46.42 -7.46
C SER B 118 18.35 -45.44 -8.51
N VAL B 119 17.24 -44.79 -8.24
CA VAL B 119 16.67 -43.81 -9.16
C VAL B 119 16.73 -42.48 -8.40
N SER B 120 17.60 -41.56 -8.83
CA SER B 120 17.73 -40.29 -8.12
C SER B 120 17.75 -39.03 -8.99
N GLY B 121 17.57 -37.89 -8.32
CA GLY B 121 17.58 -36.59 -8.97
C GLY B 121 16.45 -36.29 -9.94
N PHE B 122 15.29 -36.93 -9.77
CA PHE B 122 14.17 -36.72 -10.68
C PHE B 122 13.03 -35.84 -10.15
N TYR B 123 12.25 -35.29 -11.09
CA TYR B 123 11.10 -34.43 -10.79
C TYR B 123 10.18 -34.43 -11.98
N PRO B 124 8.85 -34.51 -11.75
CA PRO B 124 8.18 -34.58 -10.43
C PRO B 124 8.35 -35.93 -9.72
N GLY B 125 7.54 -36.14 -8.69
CA GLY B 125 7.65 -37.33 -7.89
C GLY B 125 7.06 -38.65 -8.35
N SER B 126 6.04 -38.63 -9.21
CA SER B 126 5.43 -39.90 -9.64
C SER B 126 6.34 -40.63 -10.60
N ILE B 127 6.76 -41.82 -10.18
CA ILE B 127 7.66 -42.63 -10.95
C ILE B 127 7.28 -44.09 -10.82
N GLU B 128 7.67 -44.88 -11.81
CA GLU B 128 7.40 -46.32 -11.78
C GLU B 128 8.70 -47.04 -12.06
N VAL B 129 9.08 -47.90 -11.12
CA VAL B 129 10.30 -48.68 -11.22
C VAL B 129 9.92 -50.16 -11.17
N ARG B 130 10.40 -50.92 -12.14
CA ARG B 130 10.11 -52.34 -12.19
C ARG B 130 11.39 -53.16 -12.40
N TRP B 131 11.36 -54.40 -11.94
CA TRP B 131 12.50 -55.31 -12.05
C TRP B 131 12.18 -56.50 -12.96
N PHE B 132 13.14 -56.90 -13.80
CA PHE B 132 12.95 -58.04 -14.69
C PHE B 132 14.10 -59.03 -14.61
N ARG B 133 13.78 -60.30 -14.86
CA ARG B 133 14.76 -61.39 -14.86
C ARG B 133 14.56 -62.16 -16.15
N ASN B 134 15.55 -62.11 -17.03
CA ASN B 134 15.48 -62.80 -18.32
C ASN B 134 14.20 -62.42 -19.07
N GLY B 135 13.93 -61.12 -19.15
CA GLY B 135 12.76 -60.65 -19.83
C GLY B 135 11.45 -60.76 -19.07
N GLN B 136 11.47 -61.44 -17.93
CA GLN B 136 10.26 -61.62 -17.14
C GLN B 136 10.18 -60.67 -15.94
N GLU B 137 9.04 -59.99 -15.78
CA GLU B 137 8.90 -59.06 -14.67
C GLU B 137 8.88 -59.75 -13.32
N GLU B 138 9.74 -59.31 -12.41
CA GLU B 138 9.78 -59.88 -11.07
C GLU B 138 8.92 -58.99 -10.20
N LYS B 139 7.74 -59.47 -9.86
CA LYS B 139 6.81 -58.71 -9.03
C LYS B 139 6.79 -59.22 -7.60
N ALA B 140 7.52 -60.30 -7.35
CA ALA B 140 7.60 -60.89 -6.02
C ALA B 140 9.00 -60.66 -5.46
N GLY B 141 9.09 -60.26 -4.21
CA GLY B 141 10.38 -60.03 -3.60
C GLY B 141 11.05 -58.71 -3.95
N VAL B 142 10.23 -57.69 -4.15
CA VAL B 142 10.73 -56.36 -4.48
C VAL B 142 10.52 -55.53 -3.23
N VAL B 143 11.39 -54.54 -3.00
CA VAL B 143 11.26 -53.70 -1.82
C VAL B 143 11.68 -52.27 -2.13
N SER B 144 10.88 -51.32 -1.67
CA SER B 144 11.18 -49.91 -1.90
C SER B 144 11.09 -49.12 -0.61
N THR B 145 12.01 -48.19 -0.45
CA THR B 145 12.05 -47.34 0.74
C THR B 145 11.13 -46.16 0.47
N GLY B 146 10.35 -46.25 -0.61
CA GLY B 146 9.43 -45.19 -0.97
C GLY B 146 10.09 -43.97 -1.63
N LEU B 147 9.25 -43.08 -2.13
CA LEU B 147 9.71 -41.86 -2.76
C LEU B 147 10.29 -40.94 -1.68
N ILE B 148 11.51 -40.46 -1.89
CA ILE B 148 12.18 -39.58 -0.92
C ILE B 148 12.35 -38.16 -1.49
N GLN B 149 11.80 -37.17 -0.79
CA GLN B 149 11.89 -35.78 -1.24
C GLN B 149 13.19 -35.18 -0.66
N ASN B 150 14.10 -34.76 -1.54
CA ASN B 150 15.38 -34.20 -1.12
C ASN B 150 15.30 -32.76 -0.63
N GLY B 151 14.16 -32.11 -0.85
CA GLY B 151 13.98 -30.75 -0.41
C GLY B 151 14.64 -29.70 -1.30
N ASP B 152 15.06 -30.11 -2.48
CA ASP B 152 15.71 -29.18 -3.41
C ASP B 152 15.09 -29.35 -4.80
N TRP B 153 13.81 -29.69 -4.83
CA TRP B 153 13.10 -29.90 -6.08
C TRP B 153 13.58 -31.10 -6.90
N THR B 154 13.93 -32.18 -6.20
CA THR B 154 14.37 -33.42 -6.81
C THR B 154 13.99 -34.52 -5.84
N PHE B 155 13.74 -35.71 -6.38
CA PHE B 155 13.39 -36.85 -5.55
C PHE B 155 14.40 -37.96 -5.76
N GLN B 156 14.23 -39.03 -4.98
CA GLN B 156 15.08 -40.20 -5.14
C GLN B 156 14.35 -41.38 -4.54
N THR B 157 14.74 -42.58 -4.97
CA THR B 157 14.12 -43.78 -4.47
C THR B 157 15.04 -44.97 -4.70
N LEU B 158 14.87 -45.99 -3.89
CA LEU B 158 15.65 -47.21 -4.00
C LEU B 158 14.69 -48.38 -4.05
N VAL B 159 14.78 -49.15 -5.14
CA VAL B 159 13.94 -50.33 -5.31
C VAL B 159 14.85 -51.55 -5.34
N MET B 160 14.77 -52.37 -4.30
CA MET B 160 15.60 -53.56 -4.17
C MET B 160 14.91 -54.85 -4.55
N LEU B 161 15.68 -55.77 -5.12
CA LEU B 161 15.15 -57.07 -5.53
C LEU B 161 15.90 -58.16 -4.79
N GLU B 162 15.15 -58.98 -4.06
CA GLU B 162 15.79 -60.08 -3.32
C GLU B 162 16.09 -61.22 -4.26
N THR B 163 17.37 -61.41 -4.56
CA THR B 163 17.82 -62.45 -5.47
C THR B 163 19.25 -62.73 -5.20
N VAL B 164 19.64 -63.97 -5.45
CA VAL B 164 21.01 -64.37 -5.27
C VAL B 164 21.46 -64.35 -6.71
N PRO B 165 22.19 -63.31 -7.10
CA PRO B 165 22.70 -63.17 -8.47
C PRO B 165 23.38 -64.42 -8.99
N ARG B 166 22.97 -64.86 -10.18
CA ARG B 166 23.55 -66.05 -10.79
C ARG B 166 24.01 -65.76 -12.22
N SER B 167 24.91 -66.58 -12.73
CA SER B 167 25.44 -66.39 -14.09
C SER B 167 24.47 -66.71 -15.21
N GLY B 168 24.73 -66.12 -16.37
CA GLY B 168 23.85 -66.35 -17.50
C GLY B 168 22.50 -65.70 -17.28
N GLU B 169 22.32 -65.12 -16.09
CA GLU B 169 21.07 -64.44 -15.77
C GLU B 169 21.11 -62.94 -16.03
N VAL B 170 20.00 -62.42 -16.56
CA VAL B 170 19.90 -61.00 -16.86
C VAL B 170 18.86 -60.33 -15.98
N TYR B 171 19.28 -59.27 -15.29
CA TYR B 171 18.40 -58.50 -14.42
C TYR B 171 18.30 -57.12 -15.00
N THR B 172 17.09 -56.59 -15.08
CA THR B 172 16.92 -55.27 -15.66
C THR B 172 16.00 -54.38 -14.86
N CYS B 173 16.45 -53.14 -14.62
CA CYS B 173 15.65 -52.18 -13.89
C CYS B 173 15.02 -51.28 -14.95
N GLN B 174 13.69 -51.19 -14.93
CA GLN B 174 12.99 -50.36 -15.90
C GLN B 174 12.35 -49.17 -15.17
N VAL B 175 12.61 -47.97 -15.66
CA VAL B 175 12.07 -46.78 -15.04
C VAL B 175 11.17 -45.99 -15.96
N GLU B 176 9.98 -45.70 -15.48
CA GLU B 176 9.03 -44.91 -16.24
C GLU B 176 8.81 -43.61 -15.50
N HIS B 177 8.98 -42.51 -16.22
CA HIS B 177 8.84 -41.21 -15.61
C HIS B 177 8.47 -40.16 -16.67
N PRO B 178 7.71 -39.13 -16.27
CA PRO B 178 7.27 -38.05 -17.16
C PRO B 178 8.38 -37.37 -17.93
N SER B 179 9.59 -37.39 -17.40
CA SER B 179 10.69 -36.73 -18.08
C SER B 179 11.26 -37.54 -19.26
N VAL B 180 10.85 -38.79 -19.41
CA VAL B 180 11.38 -39.60 -20.49
C VAL B 180 10.35 -40.23 -21.41
N THR B 181 10.64 -40.15 -22.71
CA THR B 181 9.79 -40.68 -23.77
C THR B 181 9.71 -42.21 -23.76
N SER B 182 10.87 -42.87 -23.76
CA SER B 182 10.95 -44.33 -23.73
C SER B 182 11.60 -44.73 -22.41
N PRO B 183 10.97 -45.68 -21.67
CA PRO B 183 11.57 -46.08 -20.38
C PRO B 183 13.07 -46.35 -20.40
N LEU B 184 13.70 -46.00 -19.28
CA LEU B 184 15.12 -46.21 -19.08
C LEU B 184 15.24 -47.63 -18.55
N THR B 185 16.33 -48.29 -18.90
CA THR B 185 16.59 -49.63 -18.40
C THR B 185 18.09 -49.78 -18.15
N VAL B 186 18.43 -50.36 -17.02
CA VAL B 186 19.81 -50.60 -16.70
C VAL B 186 19.84 -52.07 -16.37
N GLU B 187 20.66 -52.83 -17.07
CA GLU B 187 20.74 -54.25 -16.78
C GLU B 187 22.00 -54.59 -16.03
N TRP B 188 21.95 -55.71 -15.31
CA TRP B 188 23.08 -56.19 -14.54
C TRP B 188 23.20 -57.70 -14.70
N ARG B 189 24.43 -58.17 -14.95
CA ARG B 189 24.71 -59.60 -15.12
C ARG B 189 25.92 -59.96 -14.28
N ALA B 190 26.16 -61.26 -14.14
CA ALA B 190 27.30 -61.78 -13.39
C ALA B 190 27.94 -62.91 -14.20
N PRO C 1 6.29 -12.42 -14.40
CA PRO C 1 5.07 -12.46 -13.57
C PRO C 1 5.38 -12.16 -12.12
N LYS C 2 4.35 -11.75 -11.39
CA LYS C 2 4.49 -11.41 -9.99
C LYS C 2 3.52 -12.21 -9.14
N TYR C 3 4.05 -12.83 -8.09
CA TYR C 3 3.26 -13.60 -7.15
C TYR C 3 2.47 -12.65 -6.26
N VAL C 4 1.29 -13.10 -5.85
CA VAL C 4 0.43 -12.29 -4.99
C VAL C 4 0.21 -12.99 -3.65
N LYS C 5 0.38 -12.24 -2.57
CA LYS C 5 0.19 -12.82 -1.25
C LYS C 5 -1.24 -12.61 -0.84
N GLN C 6 -1.65 -13.28 0.22
CA GLN C 6 -2.98 -13.12 0.75
C GLN C 6 -2.73 -12.42 2.09
N ASN C 7 -3.51 -11.39 2.37
CA ASN C 7 -3.32 -10.63 3.61
C ASN C 7 -3.82 -11.37 4.82
N THR C 8 -3.08 -11.31 5.91
CA THR C 8 -3.53 -11.97 7.11
C THR C 8 -4.55 -11.03 7.75
N LEU C 9 -5.52 -11.59 8.45
CA LEU C 9 -6.56 -10.79 9.09
C LEU C 9 -6.28 -10.65 10.57
N LYS C 10 -6.58 -9.48 11.14
CA LYS C 10 -6.34 -9.26 12.56
C LYS C 10 -7.44 -10.00 13.29
N LEU C 11 -7.09 -10.61 14.42
CA LEU C 11 -8.02 -11.35 15.22
C LEU C 11 -9.02 -10.46 15.93
N ALA C 12 -10.14 -11.06 16.31
CA ALA C 12 -11.17 -10.34 17.06
C ALA C 12 -10.60 -10.04 18.44
N THR C 13 -10.93 -8.85 18.93
CA THR C 13 -10.48 -8.38 20.23
C THR C 13 -11.57 -8.40 21.30
N GLN D 1 3.67 -0.82 -10.58
CA GLN D 1 2.35 -0.11 -10.64
C GLN D 1 2.41 1.42 -10.77
N SER D 2 1.49 1.96 -11.55
CA SER D 2 1.42 3.41 -11.74
C SER D 2 0.03 3.80 -12.23
N VAL D 3 -0.23 5.09 -12.18
CA VAL D 3 -1.49 5.64 -12.65
C VAL D 3 -1.23 6.99 -13.30
N THR D 4 -2.04 7.31 -14.30
CA THR D 4 -1.90 8.59 -14.96
C THR D 4 -3.29 9.20 -15.02
N GLN D 5 -3.35 10.50 -14.78
CA GLN D 5 -4.61 11.21 -14.81
C GLN D 5 -4.43 12.31 -15.83
N LEU D 6 -4.69 11.97 -17.08
CA LEU D 6 -4.53 12.93 -18.16
C LEU D 6 -5.49 14.08 -17.98
N GLY D 7 -4.95 15.30 -17.94
CA GLY D 7 -5.81 16.46 -17.76
C GLY D 7 -5.83 16.83 -16.29
N SER D 8 -4.97 17.77 -15.94
CA SER D 8 -4.85 18.24 -14.56
C SER D 8 -5.97 19.19 -14.14
N HIS D 9 -6.55 19.88 -15.12
CA HIS D 9 -7.63 20.83 -14.88
C HIS D 9 -8.72 20.60 -15.91
N VAL D 10 -9.93 20.33 -15.43
CA VAL D 10 -11.04 20.10 -16.34
C VAL D 10 -12.23 20.98 -16.03
N SER D 11 -12.68 21.72 -17.04
CA SER D 11 -13.84 22.59 -16.94
C SER D 11 -15.05 21.86 -17.51
N VAL D 12 -16.19 21.95 -16.84
CA VAL D 12 -17.40 21.32 -17.31
C VAL D 12 -18.56 22.24 -16.94
N SER D 13 -19.48 22.45 -17.87
CA SER D 13 -20.63 23.30 -17.58
C SER D 13 -21.64 22.44 -16.83
N GLU D 14 -22.32 22.98 -15.82
CA GLU D 14 -23.25 22.14 -15.08
C GLU D 14 -24.34 21.53 -15.95
N GLY D 15 -24.86 20.38 -15.53
CA GLY D 15 -25.86 19.68 -16.31
C GLY D 15 -25.19 18.87 -17.39
N ALA D 16 -23.92 19.19 -17.66
CA ALA D 16 -23.13 18.50 -18.69
C ALA D 16 -22.37 17.28 -18.17
N LEU D 17 -21.77 16.56 -19.11
CA LEU D 17 -21.03 15.35 -18.81
C LEU D 17 -19.66 15.53 -18.17
N VAL D 18 -19.47 14.88 -17.02
CA VAL D 18 -18.19 14.93 -16.31
C VAL D 18 -17.40 13.64 -16.61
N LEU D 19 -16.18 13.81 -17.13
CA LEU D 19 -15.32 12.66 -17.41
C LEU D 19 -13.89 12.94 -16.94
N LEU D 20 -13.48 12.22 -15.91
CA LEU D 20 -12.13 12.38 -15.37
C LEU D 20 -11.35 11.10 -15.68
N ARG D 21 -10.29 11.25 -16.46
CA ARG D 21 -9.47 10.12 -16.88
C ARG D 21 -8.49 9.49 -15.90
N CYS D 22 -8.39 8.16 -15.99
CA CYS D 22 -7.46 7.39 -15.17
C CYS D 22 -7.03 6.10 -15.87
N ASN D 23 -5.73 5.99 -16.10
CA ASN D 23 -5.14 4.82 -16.73
C ASN D 23 -4.11 4.26 -15.77
N TYR D 24 -3.90 2.96 -15.80
CA TYR D 24 -2.98 2.35 -14.86
C TYR D 24 -2.01 1.35 -15.47
N SER D 25 -0.97 1.07 -14.69
CA SER D 25 0.07 0.11 -15.05
C SER D 25 0.13 -0.89 -13.92
N SER D 26 -0.23 -2.14 -14.18
CA SER D 26 -0.15 -3.13 -13.12
C SER D 26 0.23 -4.48 -13.69
N SER D 27 1.34 -5.01 -13.21
CA SER D 27 1.82 -6.31 -13.64
C SER D 27 1.11 -7.36 -12.79
N VAL D 28 0.09 -6.92 -12.05
CA VAL D 28 -0.66 -7.81 -11.16
C VAL D 28 -2.17 -7.45 -11.10
N PRO D 29 -2.99 -8.30 -10.45
CA PRO D 29 -4.42 -7.95 -10.38
C PRO D 29 -4.62 -6.55 -9.74
N PRO D 30 -5.06 -5.56 -10.51
CA PRO D 30 -5.30 -4.17 -10.10
C PRO D 30 -6.46 -3.93 -9.13
N TYR D 31 -6.23 -2.97 -8.25
CA TYR D 31 -7.23 -2.51 -7.31
C TYR D 31 -7.09 -0.99 -7.44
N LEU D 32 -8.16 -0.35 -7.91
CA LEU D 32 -8.12 1.08 -8.14
C LEU D 32 -9.04 1.84 -7.22
N PHE D 33 -8.68 3.08 -6.93
CA PHE D 33 -9.49 3.92 -6.05
C PHE D 33 -9.59 5.33 -6.60
N TRP D 34 -10.73 5.96 -6.38
CA TRP D 34 -10.93 7.34 -6.78
C TRP D 34 -11.19 8.12 -5.50
N TYR D 35 -10.33 9.10 -5.22
CA TYR D 35 -10.51 9.92 -4.03
C TYR D 35 -10.87 11.32 -4.48
N VAL D 36 -11.67 12.00 -3.67
CA VAL D 36 -12.05 13.37 -3.96
C VAL D 36 -11.67 14.29 -2.81
N GLN D 37 -11.23 15.49 -3.16
CA GLN D 37 -10.89 16.47 -2.14
C GLN D 37 -11.74 17.72 -2.34
N TYR D 38 -12.91 17.74 -1.72
CA TYR D 38 -13.80 18.88 -1.79
C TYR D 38 -13.10 20.03 -1.09
N PRO D 39 -13.39 21.27 -1.52
CA PRO D 39 -12.80 22.47 -0.95
C PRO D 39 -12.79 22.48 0.59
N ASN D 40 -11.63 22.83 1.14
CA ASN D 40 -11.45 22.92 2.58
C ASN D 40 -11.66 21.65 3.40
N GLN D 41 -11.34 20.50 2.83
CA GLN D 41 -11.45 19.25 3.59
C GLN D 41 -10.51 18.18 3.07
N GLY D 42 -10.50 17.02 3.72
CA GLY D 42 -9.60 15.96 3.34
C GLY D 42 -10.09 15.03 2.25
N LEU D 43 -9.22 14.13 1.81
CA LEU D 43 -9.56 13.17 0.77
C LEU D 43 -10.63 12.18 1.22
N GLN D 44 -11.63 11.98 0.36
CA GLN D 44 -12.70 11.04 0.63
C GLN D 44 -12.65 9.99 -0.44
N LEU D 45 -12.91 8.75 -0.07
CA LEU D 45 -12.93 7.69 -1.04
C LEU D 45 -14.25 7.92 -1.78
N LEU D 46 -14.22 7.99 -3.11
CA LEU D 46 -15.44 8.18 -3.88
C LEU D 46 -15.97 6.80 -4.17
N LEU D 47 -15.11 5.97 -4.76
CA LEU D 47 -15.43 4.59 -5.07
C LEU D 47 -14.13 3.82 -5.27
N LYS D 48 -14.24 2.50 -5.31
CA LYS D 48 -13.09 1.65 -5.50
C LYS D 48 -13.46 0.42 -6.33
N TYR D 49 -12.49 -0.07 -7.10
CA TYR D 49 -12.68 -1.25 -7.91
C TYR D 49 -12.00 -2.42 -7.18
N THR D 50 -12.79 -3.32 -6.59
CA THR D 50 -12.24 -4.44 -5.85
C THR D 50 -12.37 -5.73 -6.65
N SER D 51 -12.61 -5.59 -7.95
CA SER D 51 -12.78 -6.71 -8.87
C SER D 51 -14.11 -7.43 -8.72
N ALA D 52 -14.91 -7.02 -7.74
CA ALA D 52 -16.21 -7.65 -7.55
C ALA D 52 -16.99 -7.47 -8.84
N ALA D 53 -17.19 -6.22 -9.25
CA ALA D 53 -17.91 -5.90 -10.47
C ALA D 53 -17.07 -4.99 -11.34
N THR D 54 -17.51 -4.72 -12.56
CA THR D 54 -16.77 -3.87 -13.47
C THR D 54 -17.26 -2.43 -13.57
N LEU D 55 -18.55 -2.21 -13.30
CA LEU D 55 -19.08 -0.86 -13.32
C LEU D 55 -19.30 -0.52 -11.86
N VAL D 56 -18.46 0.35 -11.31
CA VAL D 56 -18.56 0.73 -9.92
C VAL D 56 -19.35 2.01 -9.68
N LYS D 57 -20.39 1.91 -8.86
CA LYS D 57 -21.23 3.06 -8.54
C LYS D 57 -20.73 3.68 -7.26
N GLY D 58 -20.40 4.96 -7.32
CA GLY D 58 -19.90 5.63 -6.14
C GLY D 58 -20.87 6.59 -5.48
N ILE D 59 -20.39 7.27 -4.46
CA ILE D 59 -21.21 8.23 -3.75
C ILE D 59 -21.36 9.50 -4.58
N ASN D 60 -22.21 10.39 -4.10
CA ASN D 60 -22.46 11.66 -4.74
C ASN D 60 -22.72 11.61 -6.24
N GLY D 61 -23.27 10.48 -6.70
CA GLY D 61 -23.62 10.34 -8.11
C GLY D 61 -22.56 9.93 -9.12
N PHE D 62 -21.35 9.60 -8.68
CA PHE D 62 -20.30 9.22 -9.64
C PHE D 62 -20.26 7.74 -10.02
N GLU D 63 -19.75 7.49 -11.23
CA GLU D 63 -19.68 6.15 -11.78
C GLU D 63 -18.28 5.93 -12.39
N ALA D 64 -17.82 4.69 -12.43
CA ALA D 64 -16.52 4.39 -13.00
C ALA D 64 -16.52 2.96 -13.55
N GLU D 65 -15.99 2.79 -14.76
CA GLU D 65 -15.94 1.49 -15.38
C GLU D 65 -14.51 0.99 -15.58
N PHE D 66 -14.24 -0.20 -15.07
CA PHE D 66 -12.91 -0.80 -15.20
C PHE D 66 -12.80 -1.53 -16.53
N LYS D 67 -11.94 -1.04 -17.42
CA LYS D 67 -11.72 -1.65 -18.72
C LYS D 67 -10.33 -2.29 -18.80
N LYS D 68 -10.27 -3.59 -18.51
CA LYS D 68 -9.01 -4.31 -18.54
C LYS D 68 -8.31 -4.18 -19.88
N SER D 69 -9.09 -4.03 -20.95
CA SER D 69 -8.52 -3.91 -22.29
C SER D 69 -7.89 -2.55 -22.55
N GLU D 70 -8.58 -1.49 -22.18
CA GLU D 70 -8.06 -0.14 -22.39
C GLU D 70 -7.14 0.23 -21.24
N THR D 71 -7.13 -0.58 -20.18
CA THR D 71 -6.32 -0.33 -18.99
C THR D 71 -6.75 1.02 -18.38
N SER D 72 -8.07 1.22 -18.28
CA SER D 72 -8.63 2.46 -17.77
C SER D 72 -9.67 2.27 -16.68
N PHE D 73 -9.94 3.36 -15.97
CA PHE D 73 -10.93 3.37 -14.89
C PHE D 73 -11.37 4.83 -14.73
N HIS D 74 -11.97 5.36 -15.80
CA HIS D 74 -12.45 6.74 -15.86
C HIS D 74 -13.64 7.02 -14.95
N LEU D 75 -13.73 8.25 -14.45
CA LEU D 75 -14.82 8.64 -13.57
C LEU D 75 -15.81 9.53 -14.34
N THR D 76 -17.11 9.21 -14.26
CA THR D 76 -18.14 9.97 -14.97
C THR D 76 -19.32 10.33 -14.10
N LYS D 77 -20.10 11.28 -14.60
CA LYS D 77 -21.31 11.78 -13.95
C LYS D 77 -22.05 12.47 -15.09
N PRO D 78 -23.31 12.10 -15.34
CA PRO D 78 -24.08 12.73 -16.42
C PRO D 78 -24.29 14.23 -16.27
N SER D 79 -24.72 14.65 -15.09
CA SER D 79 -25.01 16.07 -14.84
C SER D 79 -24.15 16.72 -13.77
N ALA D 80 -23.18 17.52 -14.20
CA ALA D 80 -22.29 18.23 -13.29
C ALA D 80 -23.08 19.15 -12.37
N HIS D 81 -22.82 19.07 -11.07
CA HIS D 81 -23.47 19.91 -10.08
C HIS D 81 -22.38 20.85 -9.59
N MET D 82 -22.75 22.04 -9.15
CA MET D 82 -21.77 23.01 -8.68
C MET D 82 -20.92 22.50 -7.52
N SER D 83 -21.50 21.64 -6.71
CA SER D 83 -20.80 21.09 -5.57
C SER D 83 -19.88 19.94 -5.96
N ASP D 84 -19.61 19.79 -7.24
CA ASP D 84 -18.71 18.73 -7.68
C ASP D 84 -17.33 19.32 -7.89
N ALA D 85 -17.22 20.63 -7.75
CA ALA D 85 -15.95 21.31 -7.89
C ALA D 85 -15.00 20.81 -6.80
N ALA D 86 -13.88 20.22 -7.21
CA ALA D 86 -12.89 19.70 -6.27
C ALA D 86 -11.75 19.08 -7.05
N GLU D 87 -10.83 18.45 -6.33
CA GLU D 87 -9.69 17.77 -6.94
C GLU D 87 -10.03 16.31 -6.85
N TYR D 88 -9.82 15.58 -7.93
CA TYR D 88 -10.09 14.15 -7.94
C TYR D 88 -8.77 13.41 -8.15
N PHE D 89 -8.55 12.39 -7.32
CA PHE D 89 -7.33 11.60 -7.36
C PHE D 89 -7.58 10.13 -7.60
N CYS D 90 -6.86 9.58 -8.57
CA CYS D 90 -6.97 8.17 -8.89
C CYS D 90 -5.84 7.47 -8.15
N ALA D 91 -6.05 6.22 -7.73
CA ALA D 91 -5.00 5.49 -7.04
C ALA D 91 -5.04 4.02 -7.41
N VAL D 92 -3.86 3.39 -7.36
CA VAL D 92 -3.77 1.98 -7.67
C VAL D 92 -3.03 1.30 -6.53
N SER D 93 -3.39 0.06 -6.22
CA SER D 93 -2.73 -0.68 -5.16
C SER D 93 -2.68 -2.17 -5.47
N GLU D 94 -1.92 -2.92 -4.68
CA GLU D 94 -1.83 -4.36 -4.87
C GLU D 94 -2.65 -5.06 -3.80
N SER D 95 -3.18 -4.28 -2.87
CA SER D 95 -4.00 -4.81 -1.80
C SER D 95 -5.46 -4.79 -2.18
N PRO D 96 -6.16 -5.90 -1.96
CA PRO D 96 -7.58 -6.04 -2.28
C PRO D 96 -8.40 -5.01 -1.50
N PHE D 97 -7.88 -4.57 -0.36
CA PHE D 97 -8.59 -3.61 0.47
C PHE D 97 -8.01 -2.20 0.53
N GLY D 98 -6.89 -1.97 -0.14
CA GLY D 98 -6.26 -0.66 -0.11
C GLY D 98 -5.54 -0.36 1.19
N ASN D 99 -5.11 -1.40 1.93
CA ASN D 99 -4.41 -1.17 3.19
C ASN D 99 -2.89 -1.25 3.10
N GLU D 100 -2.35 -1.69 1.97
CA GLU D 100 -0.90 -1.73 1.78
C GLU D 100 -0.65 -0.52 0.90
N LYS D 101 0.59 -0.22 0.56
CA LYS D 101 0.84 0.99 -0.21
C LYS D 101 -0.01 1.31 -1.45
N LEU D 102 -0.40 2.59 -1.52
CA LEU D 102 -1.22 3.18 -2.56
C LEU D 102 -0.36 4.09 -3.44
N THR D 103 -0.57 4.03 -4.74
CA THR D 103 0.18 4.87 -5.64
C THR D 103 -0.84 5.78 -6.32
N PHE D 104 -0.75 7.07 -6.01
CA PHE D 104 -1.69 8.07 -6.54
C PHE D 104 -1.31 8.67 -7.87
N GLY D 105 -2.32 9.11 -8.61
CA GLY D 105 -2.10 9.73 -9.90
C GLY D 105 -1.81 11.20 -9.64
N THR D 106 -1.67 11.98 -10.70
CA THR D 106 -1.35 13.40 -10.56
C THR D 106 -2.52 14.28 -10.16
N GLY D 107 -3.74 13.72 -10.14
CA GLY D 107 -4.91 14.50 -9.74
C GLY D 107 -5.44 15.47 -10.78
N THR D 108 -6.75 15.69 -10.74
CA THR D 108 -7.39 16.63 -11.67
C THR D 108 -8.30 17.55 -10.89
N ARG D 109 -8.23 18.85 -11.20
CA ARG D 109 -9.08 19.80 -10.53
C ARG D 109 -10.27 20.04 -11.44
N LEU D 110 -11.47 19.79 -10.91
CA LEU D 110 -12.69 19.95 -11.69
C LEU D 110 -13.40 21.25 -11.35
N THR D 111 -13.54 22.11 -12.35
CA THR D 111 -14.22 23.38 -12.22
C THR D 111 -15.56 23.29 -12.96
N ILE D 112 -16.64 23.65 -12.30
CA ILE D 112 -17.96 23.64 -12.92
C ILE D 112 -18.31 25.06 -13.41
N ILE D 113 -18.70 25.18 -14.67
CA ILE D 113 -19.05 26.49 -15.19
C ILE D 113 -20.55 26.72 -15.13
N PRO D 114 -20.97 27.81 -14.49
CA PRO D 114 -22.37 28.21 -14.31
C PRO D 114 -22.99 28.76 -15.59
N ASN D 115 -24.25 28.39 -15.82
CA ASN D 115 -25.04 28.85 -16.95
C ASN D 115 -25.67 30.17 -16.49
N ILE D 116 -24.95 31.28 -16.71
CA ILE D 116 -25.43 32.59 -16.30
C ILE D 116 -26.78 33.00 -16.92
N GLN D 117 -27.82 32.84 -16.12
CA GLN D 117 -29.20 33.15 -16.54
C GLN D 117 -29.52 34.55 -17.10
N ASN D 118 -29.18 35.60 -16.34
CA ASN D 118 -29.48 36.96 -16.78
C ASN D 118 -28.25 37.84 -16.76
N PRO D 119 -27.32 37.62 -17.69
CA PRO D 119 -26.08 38.38 -17.78
C PRO D 119 -26.28 39.89 -17.86
N ASP D 120 -25.41 40.64 -17.20
CA ASP D 120 -25.42 42.10 -17.26
C ASP D 120 -24.17 42.64 -16.58
N PRO D 121 -23.04 42.58 -17.30
CA PRO D 121 -21.70 43.03 -16.88
C PRO D 121 -21.75 44.40 -16.24
N ALA D 122 -20.76 44.68 -15.39
CA ALA D 122 -20.67 45.96 -14.71
C ALA D 122 -19.38 46.10 -13.90
N VAL D 123 -18.95 47.34 -13.71
CA VAL D 123 -17.76 47.61 -12.94
C VAL D 123 -18.15 48.65 -11.90
N TYR D 124 -18.22 48.24 -10.63
CA TYR D 124 -18.59 49.14 -9.54
C TYR D 124 -17.38 49.48 -8.68
N GLN D 125 -17.43 50.63 -8.03
CA GLN D 125 -16.35 51.02 -7.13
C GLN D 125 -16.92 50.91 -5.73
N LEU D 126 -16.06 50.57 -4.78
CA LEU D 126 -16.45 50.41 -3.39
C LEU D 126 -15.46 51.20 -2.51
N ARG D 127 -15.86 51.54 -1.29
CA ARG D 127 -14.99 52.30 -0.38
C ARG D 127 -14.83 51.59 0.96
N SER D 131 -9.05 52.03 6.72
CA SER D 131 -7.79 51.41 7.10
C SER D 131 -6.89 51.13 5.90
N SER D 132 -7.50 50.81 4.75
CA SER D 132 -6.71 50.52 3.55
C SER D 132 -6.32 51.82 2.85
N ASP D 133 -5.60 51.68 1.74
CA ASP D 133 -5.12 52.83 0.98
C ASP D 133 -5.52 52.57 -0.46
N LYS D 134 -5.94 51.34 -0.74
CA LYS D 134 -6.32 50.96 -2.08
C LYS D 134 -7.75 51.38 -2.31
N SER D 135 -8.14 51.40 -3.58
CA SER D 135 -9.48 51.74 -3.99
C SER D 135 -9.77 50.42 -4.68
N VAL D 136 -10.97 49.88 -4.55
CA VAL D 136 -11.24 48.62 -5.20
C VAL D 136 -12.42 48.68 -6.14
N CYS D 137 -12.24 48.11 -7.33
CA CYS D 137 -13.30 48.06 -8.33
C CYS D 137 -13.77 46.63 -8.48
N LEU D 138 -15.06 46.46 -8.68
CA LEU D 138 -15.63 45.13 -8.82
C LEU D 138 -16.25 44.89 -10.19
N PHE D 139 -15.68 43.98 -10.95
CA PHE D 139 -16.20 43.64 -12.27
C PHE D 139 -17.03 42.39 -12.00
N THR D 140 -18.35 42.50 -12.15
CA THR D 140 -19.22 41.37 -11.85
C THR D 140 -20.42 41.14 -12.78
N ASP D 141 -21.12 40.04 -12.54
CA ASP D 141 -22.31 39.66 -13.30
C ASP D 141 -22.13 39.49 -14.79
N PHE D 142 -20.88 39.35 -15.23
CA PHE D 142 -20.61 39.15 -16.65
C PHE D 142 -20.89 37.70 -17.05
N ASP D 143 -20.63 37.40 -18.31
CA ASP D 143 -20.91 36.06 -18.80
C ASP D 143 -19.75 35.10 -18.65
N SER D 144 -20.07 33.81 -18.66
CA SER D 144 -19.05 32.76 -18.51
C SER D 144 -18.08 32.73 -19.69
N GLN D 145 -18.42 33.44 -20.76
CA GLN D 145 -17.56 33.49 -21.94
C GLN D 145 -16.55 34.63 -21.87
N THR D 146 -16.59 35.38 -20.77
CA THR D 146 -15.70 36.53 -20.59
C THR D 146 -14.45 36.13 -19.80
N ASN D 147 -13.29 36.50 -20.31
CA ASN D 147 -12.04 36.15 -19.66
C ASN D 147 -11.31 37.40 -19.19
N VAL D 148 -11.22 37.56 -17.87
CA VAL D 148 -10.57 38.70 -17.26
C VAL D 148 -9.07 38.51 -17.37
N SER D 149 -8.39 39.45 -18.03
CA SER D 149 -6.95 39.38 -18.24
C SER D 149 -6.17 40.02 -17.10
N GLN D 150 -4.87 39.75 -17.04
CA GLN D 150 -4.01 40.30 -15.97
C GLN D 150 -3.93 41.81 -16.11
N SER D 151 -3.01 42.45 -15.39
CA SER D 151 -2.90 43.91 -15.47
C SER D 151 -1.74 44.55 -16.25
N LYS D 152 -1.93 45.84 -16.55
CA LYS D 152 -0.95 46.63 -17.28
C LYS D 152 0.11 47.17 -16.35
N ASP D 153 -0.29 47.99 -15.38
CA ASP D 153 0.67 48.54 -14.43
C ASP D 153 1.04 47.43 -13.45
N SER D 154 2.32 47.34 -13.08
CA SER D 154 2.75 46.31 -12.13
C SER D 154 2.19 46.75 -10.77
N ASP D 155 1.65 47.96 -10.74
CA ASP D 155 1.08 48.54 -9.53
C ASP D 155 -0.46 48.42 -9.43
N VAL D 156 -1.07 47.71 -10.37
CA VAL D 156 -2.52 47.51 -10.36
C VAL D 156 -2.77 46.02 -10.22
N TYR D 157 -3.39 45.61 -9.11
CA TYR D 157 -3.67 44.19 -8.90
C TYR D 157 -5.06 43.75 -9.33
N ILE D 158 -5.13 42.75 -10.20
CA ILE D 158 -6.40 42.22 -10.69
C ILE D 158 -6.41 40.73 -10.38
N THR D 159 -7.44 40.30 -9.67
CA THR D 159 -7.56 38.89 -9.31
C THR D 159 -8.11 38.17 -10.52
N ASP D 160 -8.25 36.85 -10.40
CA ASP D 160 -8.80 36.07 -11.50
C ASP D 160 -10.30 36.05 -11.28
N LYS D 161 -11.06 35.64 -12.30
CA LYS D 161 -12.50 35.58 -12.14
C LYS D 161 -12.86 34.40 -11.28
N THR D 162 -13.92 34.53 -10.50
CA THR D 162 -14.38 33.46 -9.64
C THR D 162 -15.91 33.50 -9.60
N VAL D 163 -16.51 32.39 -9.24
CA VAL D 163 -17.96 32.30 -9.18
C VAL D 163 -18.42 32.25 -7.74
N LEU D 164 -19.58 32.84 -7.45
CA LEU D 164 -20.13 32.80 -6.11
C LEU D 164 -21.57 32.34 -6.28
N ASP D 165 -21.99 31.43 -5.42
CA ASP D 165 -23.32 30.85 -5.49
C ASP D 165 -24.22 31.31 -4.36
N MET D 166 -25.21 32.15 -4.68
CA MET D 166 -26.18 32.61 -3.68
C MET D 166 -27.31 31.59 -3.71
N ARG D 167 -27.12 30.51 -2.97
CA ARG D 167 -28.08 29.41 -2.89
C ARG D 167 -29.54 29.76 -2.61
N SER D 168 -29.81 30.36 -1.45
CA SER D 168 -31.18 30.71 -1.07
C SER D 168 -31.94 31.40 -2.21
N MET D 169 -31.25 32.21 -3.02
CA MET D 169 -31.87 32.92 -4.14
C MET D 169 -31.72 32.19 -5.48
N ASP D 170 -30.86 31.20 -5.53
CA ASP D 170 -30.62 30.43 -6.74
C ASP D 170 -29.90 31.27 -7.80
N PHE D 171 -29.11 32.23 -7.32
CA PHE D 171 -28.38 33.13 -8.18
C PHE D 171 -26.89 32.83 -8.20
N LYS D 172 -26.27 32.95 -9.37
CA LYS D 172 -24.84 32.73 -9.48
C LYS D 172 -24.26 33.93 -10.20
N SER D 173 -23.01 34.28 -9.89
CA SER D 173 -22.38 35.41 -10.54
C SER D 173 -20.86 35.26 -10.62
N ASN D 174 -20.29 35.85 -11.66
CA ASN D 174 -18.86 35.82 -11.84
C ASN D 174 -18.35 37.17 -11.43
N SER D 175 -17.13 37.23 -10.91
CA SER D 175 -16.56 38.50 -10.53
C SER D 175 -15.04 38.46 -10.59
N ALA D 176 -14.43 39.63 -10.52
CA ALA D 176 -12.99 39.78 -10.55
C ALA D 176 -12.77 41.10 -9.84
N VAL D 177 -11.71 41.19 -9.05
CA VAL D 177 -11.46 42.41 -8.31
C VAL D 177 -10.16 43.06 -8.72
N ALA D 178 -10.17 44.40 -8.76
CA ALA D 178 -8.98 45.15 -9.11
C ALA D 178 -8.77 46.24 -8.07
N TRP D 179 -7.53 46.65 -7.88
CA TRP D 179 -7.26 47.69 -6.92
C TRP D 179 -5.83 48.20 -7.04
N SER D 180 -5.63 49.40 -6.53
CA SER D 180 -4.33 50.04 -6.56
C SER D 180 -4.41 51.18 -5.58
N ASN D 181 -3.27 51.77 -5.28
CA ASN D 181 -3.19 52.90 -4.38
C ASN D 181 -2.72 54.05 -5.24
N LYS D 182 -2.55 53.75 -6.52
CA LYS D 182 -2.15 54.77 -7.49
C LYS D 182 -3.22 55.85 -7.61
N SER D 183 -2.77 57.10 -7.68
CA SER D 183 -3.67 58.23 -7.81
C SER D 183 -4.44 58.11 -9.12
N ASP D 184 -3.72 57.91 -10.22
CA ASP D 184 -4.38 57.77 -11.51
C ASP D 184 -4.87 56.33 -11.71
N PHE D 185 -5.89 55.98 -10.94
CA PHE D 185 -6.50 54.66 -11.03
C PHE D 185 -7.98 54.77 -10.78
N ALA D 186 -8.76 54.69 -11.85
CA ALA D 186 -10.21 54.77 -11.74
C ALA D 186 -10.77 53.45 -12.24
N CYS D 187 -12.04 53.19 -11.94
CA CYS D 187 -12.69 51.96 -12.34
C CYS D 187 -13.04 51.96 -13.82
N ALA D 188 -12.98 53.14 -14.44
CA ALA D 188 -13.30 53.26 -15.85
C ALA D 188 -12.26 52.56 -16.71
N ASN D 189 -11.03 52.47 -16.22
CA ASN D 189 -9.96 51.85 -16.98
C ASN D 189 -9.33 50.62 -16.32
N ALA D 190 -9.53 50.47 -15.00
CA ALA D 190 -8.99 49.35 -14.23
C ALA D 190 -8.93 48.10 -15.07
N PHE D 191 -10.05 47.75 -15.68
CA PHE D 191 -10.10 46.57 -16.52
C PHE D 191 -10.01 46.95 -17.96
N ASN D 192 -8.93 46.53 -18.59
CA ASN D 192 -8.75 46.74 -20.01
C ASN D 192 -8.71 45.29 -20.42
N ASN D 193 -8.87 45.00 -21.70
CA ASN D 193 -8.81 43.62 -22.18
C ASN D 193 -10.15 42.87 -22.23
N SER D 194 -10.75 42.92 -23.41
CA SER D 194 -12.01 42.29 -23.81
C SER D 194 -13.21 42.15 -22.88
N ILE D 195 -13.60 43.26 -22.28
CA ILE D 195 -14.80 43.24 -21.45
C ILE D 195 -15.91 43.66 -22.40
N ILE D 196 -17.09 43.13 -22.18
CA ILE D 196 -18.27 43.41 -22.99
C ILE D 196 -18.45 44.91 -23.29
N PRO D 197 -18.91 45.27 -24.51
CA PRO D 197 -19.09 46.71 -24.75
C PRO D 197 -20.36 47.16 -24.03
N GLU D 198 -21.07 46.15 -23.53
CA GLU D 198 -22.32 46.30 -22.84
C GLU D 198 -22.28 46.61 -21.33
N ASP D 199 -21.19 46.27 -20.62
CA ASP D 199 -21.19 46.52 -19.17
C ASP D 199 -21.34 47.98 -18.74
N THR D 200 -21.99 48.15 -17.59
CA THR D 200 -22.26 49.46 -17.00
C THR D 200 -21.12 50.00 -16.18
N PHE D 201 -21.23 51.26 -15.78
CA PHE D 201 -20.21 51.89 -14.96
C PHE D 201 -20.83 52.81 -13.88
N LYS E 1 -9.10 8.05 14.01
CA LYS E 1 -8.44 9.31 13.59
C LYS E 1 -6.91 9.24 13.64
N VAL E 2 -6.29 9.83 12.63
CA VAL E 2 -4.85 9.90 12.51
C VAL E 2 -4.53 11.37 12.70
N THR E 3 -3.84 11.72 13.79
CA THR E 3 -3.54 13.12 14.02
C THR E 3 -2.11 13.57 13.71
N GLN E 4 -2.02 14.72 13.07
CA GLN E 4 -0.74 15.35 12.72
C GLN E 4 -0.60 16.57 13.63
N SER E 5 0.45 16.54 14.46
CA SER E 5 0.72 17.60 15.43
C SER E 5 0.34 19.01 15.00
N SER E 6 1.01 19.54 13.99
CA SER E 6 0.71 20.88 13.53
C SER E 6 0.05 20.94 12.15
N ARG E 7 -0.70 22.01 11.90
CA ARG E 7 -1.40 22.21 10.64
C ARG E 7 -0.61 23.15 9.73
N TYR E 8 0.23 23.98 10.34
CA TYR E 8 1.05 24.90 9.59
C TYR E 8 2.40 25.05 10.24
N LEU E 9 3.41 25.22 9.41
CA LEU E 9 4.76 25.38 9.90
C LEU E 9 5.58 26.24 8.97
N VAL E 10 6.31 27.17 9.56
CA VAL E 10 7.22 28.01 8.80
C VAL E 10 8.59 27.70 9.38
N LYS E 11 9.49 27.23 8.53
CA LYS E 11 10.82 26.87 8.96
C LYS E 11 11.86 27.48 8.04
N ARG E 12 13.05 27.64 8.56
CA ARG E 12 14.14 28.21 7.80
C ARG E 12 15.00 27.12 7.15
N THR E 13 15.63 27.48 6.04
CA THR E 13 16.49 26.58 5.28
C THR E 13 17.63 26.02 6.13
N GLY E 14 18.12 24.85 5.74
CA GLY E 14 19.22 24.21 6.44
C GLY E 14 18.89 23.71 7.84
N GLU E 15 17.65 23.92 8.25
CA GLU E 15 17.22 23.48 9.57
C GLU E 15 16.71 22.04 9.52
N LYS E 16 16.62 21.41 10.69
CA LYS E 16 16.15 20.03 10.83
C LYS E 16 14.69 20.07 11.28
N VAL E 17 13.77 19.73 10.37
CA VAL E 17 12.35 19.79 10.70
C VAL E 17 11.71 18.43 11.01
N PHE E 18 10.85 18.43 12.02
CA PHE E 18 10.15 17.24 12.44
C PHE E 18 8.64 17.32 12.24
N LEU E 19 8.10 16.40 11.44
CA LEU E 19 6.65 16.35 11.21
C LEU E 19 6.19 15.08 11.89
N GLU E 20 5.18 15.19 12.75
CA GLU E 20 4.70 14.03 13.46
C GLU E 20 3.38 13.51 12.94
N CYS E 21 3.17 12.23 13.17
CA CYS E 21 1.94 11.57 12.79
C CYS E 21 1.71 10.51 13.86
N VAL E 22 0.60 10.64 14.57
CA VAL E 22 0.26 9.71 15.62
C VAL E 22 -1.10 9.11 15.32
N GLN E 23 -1.21 7.79 15.45
CA GLN E 23 -2.48 7.12 15.20
C GLN E 23 -2.78 6.32 16.44
N ASP E 24 -4.07 6.12 16.71
CA ASP E 24 -4.50 5.42 17.91
C ASP E 24 -5.29 4.14 17.64
N MET E 25 -5.40 3.75 16.38
CA MET E 25 -6.14 2.56 15.99
C MET E 25 -5.31 1.28 15.94
N ASP E 26 -4.09 1.35 16.46
CA ASP E 26 -3.21 0.20 16.49
C ASP E 26 -2.90 -0.30 15.07
N HIS E 27 -2.78 0.65 14.15
CA HIS E 27 -2.48 0.30 12.77
C HIS E 27 -1.00 -0.02 12.56
N GLU E 28 -0.72 -1.11 11.83
CA GLU E 28 0.65 -1.51 11.59
C GLU E 28 1.30 -0.71 10.48
N ASN E 29 0.49 -0.19 9.55
CA ASN E 29 1.02 0.55 8.41
C ASN E 29 0.80 2.06 8.46
N MET E 30 1.85 2.81 8.15
CA MET E 30 1.77 4.26 8.15
C MET E 30 2.58 4.78 6.98
N PHE E 31 2.11 5.86 6.35
CA PHE E 31 2.78 6.42 5.21
C PHE E 31 2.85 7.95 5.25
N TRP E 32 3.86 8.50 4.58
CA TRP E 32 4.04 9.93 4.49
C TRP E 32 4.06 10.30 3.01
N TYR E 33 3.15 11.20 2.61
CA TYR E 33 3.08 11.68 1.24
C TYR E 33 3.13 13.20 1.26
N ARG E 34 3.45 13.78 0.10
CA ARG E 34 3.42 15.22 -0.02
C ARG E 34 2.49 15.54 -1.19
N GLN E 35 1.69 16.60 -1.04
CA GLN E 35 0.74 16.98 -2.05
C GLN E 35 1.15 18.30 -2.72
N ASP E 36 1.41 18.24 -4.01
CA ASP E 36 1.80 19.43 -4.75
C ASP E 36 1.04 19.52 -6.08
N PRO E 37 0.66 20.74 -6.48
CA PRO E 37 -0.08 21.01 -7.73
C PRO E 37 0.53 20.33 -8.96
N GLY E 38 -0.30 19.58 -9.68
CA GLY E 38 0.18 18.91 -10.87
C GLY E 38 1.01 17.69 -10.58
N LEU E 39 1.19 17.38 -9.30
CA LEU E 39 1.99 16.23 -8.91
C LEU E 39 1.17 15.24 -8.04
N GLY E 40 -0.04 15.64 -7.66
CA GLY E 40 -0.86 14.77 -6.83
C GLY E 40 -0.12 14.36 -5.57
N LEU E 41 -0.43 13.18 -5.05
CA LEU E 41 0.24 12.68 -3.86
C LEU E 41 1.41 11.76 -4.22
N ARG E 42 2.61 12.06 -3.70
CA ARG E 42 3.79 11.22 -3.95
C ARG E 42 4.33 10.64 -2.62
N LEU E 43 4.53 9.32 -2.60
CA LEU E 43 5.02 8.61 -1.42
C LEU E 43 6.49 8.91 -1.08
N ILE E 44 6.72 9.43 0.12
CA ILE E 44 8.07 9.76 0.58
C ILE E 44 8.72 8.55 1.25
N TYR E 45 8.06 8.02 2.28
CA TYR E 45 8.51 6.88 3.05
C TYR E 45 7.29 6.23 3.65
N PHE E 46 7.44 4.99 4.09
CA PHE E 46 6.36 4.29 4.75
C PHE E 46 6.92 3.19 5.62
N SER E 47 6.07 2.71 6.54
CA SER E 47 6.44 1.69 7.50
C SER E 47 5.32 0.68 7.62
N TYR E 48 5.67 -0.61 7.59
CA TYR E 48 4.68 -1.66 7.70
C TYR E 48 4.74 -2.27 9.08
N ASP E 49 5.70 -1.81 9.89
CA ASP E 49 5.83 -2.31 11.27
C ASP E 49 6.80 -1.46 12.06
N VAL E 50 6.98 -1.80 13.33
CA VAL E 50 7.90 -1.06 14.20
C VAL E 50 9.33 -1.21 13.69
N LYS E 51 10.07 -0.10 13.69
CA LYS E 51 11.45 -0.08 13.21
C LYS E 51 11.58 -0.41 11.74
N MET E 52 10.46 -0.39 11.01
CA MET E 52 10.52 -0.70 9.59
C MET E 52 10.45 0.58 8.75
N LYS E 53 11.50 0.83 8.00
CA LYS E 53 11.59 2.01 7.15
C LYS E 53 11.70 1.50 5.71
N GLU E 54 10.92 2.07 4.82
CA GLU E 54 10.99 1.68 3.42
C GLU E 54 10.87 2.92 2.55
N LYS E 55 11.91 3.18 1.76
CA LYS E 55 11.92 4.32 0.88
C LYS E 55 10.75 4.27 -0.09
N GLY E 56 10.06 5.40 -0.21
CA GLY E 56 8.93 5.50 -1.10
C GLY E 56 9.42 5.88 -2.47
N ASP E 57 8.60 6.55 -3.25
CA ASP E 57 9.04 6.92 -4.57
C ASP E 57 9.93 8.18 -4.62
N ILE E 58 9.89 9.01 -3.58
CA ILE E 58 10.71 10.23 -3.50
C ILE E 58 11.34 10.47 -2.12
N PRO E 59 12.24 9.56 -1.71
CA PRO E 59 12.96 9.56 -0.43
C PRO E 59 13.95 10.70 -0.23
N GLU E 60 14.67 11.06 -1.30
CA GLU E 60 15.69 12.10 -1.23
C GLU E 60 15.36 13.28 -0.35
N GLY E 61 16.28 13.61 0.55
CA GLY E 61 16.09 14.75 1.43
C GLY E 61 15.33 14.43 2.70
N TYR E 62 14.73 13.25 2.77
CA TYR E 62 13.98 12.91 3.96
C TYR E 62 14.50 11.66 4.63
N SER E 63 14.13 11.51 5.89
CA SER E 63 14.51 10.39 6.71
C SER E 63 13.24 10.12 7.50
N VAL E 64 13.18 9.02 8.21
CA VAL E 64 11.96 8.77 8.94
C VAL E 64 12.24 7.96 10.20
N SER E 65 11.25 7.86 11.07
CA SER E 65 11.41 7.12 12.31
C SER E 65 10.12 6.48 12.82
N ARG E 66 10.23 5.23 13.25
CA ARG E 66 9.09 4.54 13.81
C ARG E 66 9.51 3.66 14.96
N GLU E 67 9.83 4.29 16.10
CA GLU E 67 10.25 3.55 17.29
C GLU E 67 9.07 2.92 17.99
N LYS E 68 7.94 3.63 18.01
CA LYS E 68 6.70 3.11 18.61
C LYS E 68 5.69 2.91 17.48
N LYS E 69 4.74 2.02 17.70
CA LYS E 69 3.75 1.70 16.66
C LYS E 69 2.79 2.85 16.29
N GLU E 70 2.45 3.66 17.28
CA GLU E 70 1.51 4.77 17.11
C GLU E 70 2.08 5.98 16.40
N ARG E 71 3.41 6.08 16.41
CA ARG E 71 4.09 7.23 15.85
C ARG E 71 5.00 7.03 14.65
N PHE E 72 4.76 7.80 13.60
CA PHE E 72 5.61 7.73 12.42
C PHE E 72 6.05 9.17 12.16
N SER E 73 7.30 9.47 12.48
CA SER E 73 7.83 10.82 12.33
C SER E 73 8.60 11.03 11.04
N LEU E 74 8.29 12.11 10.34
CA LEU E 74 8.98 12.45 9.11
C LEU E 74 10.05 13.48 9.45
N ILE E 75 11.25 13.29 8.93
CA ILE E 75 12.33 14.20 9.24
C ILE E 75 12.96 14.82 8.01
N LEU E 76 13.32 16.09 8.14
CA LEU E 76 13.98 16.81 7.06
C LEU E 76 15.34 17.18 7.65
N GLU E 77 16.41 16.52 7.22
CA GLU E 77 17.76 16.79 7.73
C GLU E 77 18.13 18.26 7.64
N SER E 78 18.20 18.79 6.42
CA SER E 78 18.48 20.21 6.21
C SER E 78 17.41 20.65 5.22
N ALA E 79 16.36 21.25 5.76
CA ALA E 79 15.23 21.72 4.96
C ALA E 79 15.63 22.66 3.84
N SER E 80 15.15 22.37 2.65
CA SER E 80 15.43 23.22 1.52
C SER E 80 14.07 23.73 1.05
N THR E 81 14.07 24.81 0.29
CA THR E 81 12.81 25.39 -0.16
C THR E 81 11.99 24.45 -1.03
N ASN E 82 12.65 23.58 -1.77
CA ASN E 82 11.93 22.64 -2.62
C ASN E 82 11.06 21.74 -1.74
N GLN E 83 11.30 21.75 -0.43
CA GLN E 83 10.52 20.90 0.47
C GLN E 83 9.28 21.58 1.04
N THR E 84 8.98 22.75 0.51
CA THR E 84 7.81 23.51 0.92
C THR E 84 6.66 22.77 0.28
N SER E 85 5.77 22.19 1.09
CA SER E 85 4.65 21.44 0.53
C SER E 85 3.66 21.05 1.61
N MET E 86 2.61 20.33 1.23
CA MET E 86 1.67 19.84 2.23
C MET E 86 1.93 18.36 2.40
N TYR E 87 2.17 17.94 3.63
CA TYR E 87 2.44 16.56 3.92
C TYR E 87 1.24 15.86 4.50
N LEU E 88 0.87 14.75 3.86
CA LEU E 88 -0.25 13.96 4.33
C LEU E 88 0.27 12.67 4.91
N CYS E 89 -0.33 12.27 6.01
CA CYS E 89 0.05 11.04 6.63
C CYS E 89 -1.17 10.13 6.59
N ALA E 90 -0.93 8.84 6.39
CA ALA E 90 -2.01 7.88 6.35
C ALA E 90 -1.60 6.64 7.10
N SER E 91 -2.57 5.95 7.68
CA SER E 91 -2.28 4.75 8.40
C SER E 91 -3.35 3.74 8.01
N SER E 92 -3.03 2.46 8.23
CA SER E 92 -3.94 1.39 7.91
C SER E 92 -3.31 0.12 8.41
N SER E 93 -4.06 -0.97 8.33
CA SER E 93 -3.55 -2.27 8.73
C SER E 93 -3.86 -3.29 7.66
N THR E 94 -2.89 -4.15 7.38
CA THR E 94 -3.05 -5.20 6.38
C THR E 94 -4.10 -6.18 6.86
N GLY E 95 -4.36 -6.14 8.17
CA GLY E 95 -5.33 -7.04 8.77
C GLY E 95 -6.72 -6.47 8.87
N LEU E 96 -6.96 -5.36 8.18
CA LEU E 96 -8.27 -4.73 8.20
C LEU E 96 -8.90 -4.68 6.81
N PRO E 97 -10.20 -5.01 6.71
CA PRO E 97 -11.07 -5.06 5.52
C PRO E 97 -11.27 -3.71 4.84
N TYR E 98 -10.52 -2.71 5.26
CA TYR E 98 -10.65 -1.40 4.66
C TYR E 98 -9.28 -0.73 4.52
N GLY E 99 -9.25 0.42 3.87
CA GLY E 99 -7.97 1.07 3.68
C GLY E 99 -7.59 2.26 4.52
N TYR E 100 -6.97 3.22 3.84
CA TYR E 100 -6.46 4.45 4.42
C TYR E 100 -7.36 5.34 5.26
N THR E 101 -6.76 5.91 6.28
CA THR E 101 -7.39 6.88 7.16
C THR E 101 -6.38 8.01 7.02
N PHE E 102 -6.81 9.13 6.47
CA PHE E 102 -5.89 10.25 6.29
C PHE E 102 -5.85 11.20 7.47
N GLY E 103 -4.70 11.85 7.65
CA GLY E 103 -4.51 12.82 8.71
C GLY E 103 -4.86 14.23 8.23
N SER E 104 -4.93 15.17 9.16
CA SER E 104 -5.28 16.55 8.84
C SER E 104 -4.35 17.18 7.79
N GLY E 105 -3.08 16.79 7.82
CA GLY E 105 -2.11 17.34 6.88
C GLY E 105 -1.42 18.54 7.52
N THR E 106 -0.20 18.83 7.09
CA THR E 106 0.49 19.98 7.66
C THR E 106 1.16 20.76 6.55
N ARG E 107 0.78 22.03 6.44
CA ARG E 107 1.36 22.91 5.45
C ARG E 107 2.72 23.28 5.99
N LEU E 108 3.74 23.13 5.18
CA LEU E 108 5.08 23.47 5.62
C LEU E 108 5.73 24.31 4.56
N THR E 109 6.16 25.50 4.96
CA THR E 109 6.83 26.38 4.02
C THR E 109 8.19 26.65 4.59
N VAL E 110 9.21 26.40 3.79
CA VAL E 110 10.56 26.65 4.24
C VAL E 110 11.15 27.76 3.41
N VAL E 111 11.53 28.82 4.11
CA VAL E 111 12.09 30.02 3.52
C VAL E 111 13.54 30.21 4.01
N GLU E 112 14.32 31.00 3.27
CA GLU E 112 15.70 31.25 3.66
C GLU E 112 15.79 32.19 4.86
N ASP E 113 15.02 33.27 4.81
CA ASP E 113 15.03 34.30 5.85
C ASP E 113 13.69 34.44 6.59
N LEU E 114 13.70 34.19 7.89
CA LEU E 114 12.49 34.31 8.69
C LEU E 114 11.99 35.76 8.82
N ASN E 115 12.91 36.72 8.67
CA ASN E 115 12.52 38.13 8.77
C ASN E 115 11.62 38.55 7.62
N LYS E 116 11.29 37.60 6.76
CA LYS E 116 10.43 37.86 5.61
C LYS E 116 8.98 37.56 5.95
N VAL E 117 8.75 36.93 7.10
CA VAL E 117 7.40 36.58 7.52
C VAL E 117 6.62 37.81 7.98
N PHE E 118 5.40 37.96 7.47
CA PHE E 118 4.54 39.10 7.79
C PHE E 118 3.07 38.74 7.90
N PRO E 119 2.38 39.26 8.91
CA PRO E 119 0.96 38.97 9.07
C PRO E 119 0.24 39.76 7.99
N PRO E 120 -1.04 39.46 7.77
CA PRO E 120 -1.79 40.18 6.75
C PRO E 120 -2.40 41.43 7.37
N GLU E 121 -2.91 42.30 6.51
CA GLU E 121 -3.61 43.50 6.95
C GLU E 121 -4.91 43.16 6.32
N VAL E 122 -6.01 43.38 7.04
CA VAL E 122 -7.32 43.09 6.48
C VAL E 122 -8.23 44.35 6.40
N ALA E 123 -8.96 44.47 5.29
CA ALA E 123 -9.86 45.62 5.11
C ALA E 123 -11.10 45.21 4.34
N VAL E 124 -12.25 45.71 4.79
CA VAL E 124 -13.50 45.41 4.13
C VAL E 124 -14.05 46.62 3.38
N PHE E 125 -14.44 46.40 2.13
CA PHE E 125 -14.97 47.48 1.33
C PHE E 125 -16.45 47.22 1.16
N GLU E 126 -17.26 48.21 1.54
CA GLU E 126 -18.71 48.11 1.47
C GLU E 126 -19.28 48.16 0.06
N PRO E 127 -20.49 47.63 -0.12
CA PRO E 127 -21.17 47.59 -1.41
C PRO E 127 -21.31 48.93 -2.11
N SER E 128 -21.34 48.89 -3.43
CA SER E 128 -21.52 50.07 -4.26
C SER E 128 -23.01 50.42 -4.24
N GLU E 129 -23.35 51.68 -4.04
CA GLU E 129 -24.76 52.09 -4.04
C GLU E 129 -25.32 51.90 -5.46
N ALA E 130 -24.43 52.03 -6.43
CA ALA E 130 -24.79 51.86 -7.83
C ALA E 130 -25.21 50.42 -8.09
N GLU E 131 -24.44 49.48 -7.55
CA GLU E 131 -24.73 48.07 -7.72
C GLU E 131 -26.04 47.72 -7.02
N ILE E 132 -26.23 48.29 -5.83
CA ILE E 132 -27.44 48.03 -5.06
C ILE E 132 -28.66 48.46 -5.86
N SER E 133 -28.56 49.65 -6.45
CA SER E 133 -29.65 50.21 -7.24
C SER E 133 -29.87 49.41 -8.53
N HIS E 134 -28.79 48.96 -9.14
CA HIS E 134 -28.85 48.25 -10.41
C HIS E 134 -29.23 46.76 -10.35
N THR E 135 -28.77 46.06 -9.31
CA THR E 135 -29.04 44.63 -9.21
C THR E 135 -29.82 44.19 -7.99
N GLN E 136 -29.99 45.08 -7.01
CA GLN E 136 -30.73 44.74 -5.79
C GLN E 136 -29.95 43.75 -4.94
N LYS E 137 -28.64 43.70 -5.18
CA LYS E 137 -27.75 42.82 -4.45
C LYS E 137 -26.58 43.69 -3.99
N ALA E 138 -25.91 43.29 -2.93
CA ALA E 138 -24.78 44.07 -2.42
C ALA E 138 -23.54 43.20 -2.25
N THR E 139 -22.46 43.58 -2.91
CA THR E 139 -21.25 42.80 -2.81
C THR E 139 -20.19 43.45 -1.93
N LEU E 140 -19.88 42.80 -0.81
CA LEU E 140 -18.83 43.29 0.07
C LEU E 140 -17.56 42.61 -0.42
N VAL E 141 -16.44 43.33 -0.35
CA VAL E 141 -15.16 42.78 -0.78
C VAL E 141 -14.18 42.82 0.37
N CYS E 142 -13.42 41.74 0.53
CA CYS E 142 -12.42 41.69 1.58
C CYS E 142 -11.03 41.57 1.00
N LEU E 143 -10.11 42.36 1.51
CA LEU E 143 -8.73 42.34 1.06
C LEU E 143 -7.76 42.07 2.19
N ALA E 144 -7.03 40.96 2.06
CA ALA E 144 -6.03 40.58 3.04
C ALA E 144 -4.75 40.82 2.28
N THR E 145 -3.90 41.71 2.78
CA THR E 145 -2.68 42.03 2.08
C THR E 145 -1.39 42.00 2.89
N GLY E 146 -0.28 42.06 2.16
CA GLY E 146 1.03 42.09 2.76
C GLY E 146 1.48 40.90 3.55
N PHE E 147 0.83 39.75 3.38
CA PHE E 147 1.26 38.60 4.14
C PHE E 147 2.25 37.68 3.44
N PHE E 148 3.03 36.98 4.25
CA PHE E 148 4.01 36.02 3.79
C PHE E 148 4.40 35.21 5.03
N PRO E 149 4.48 33.88 4.91
CA PRO E 149 4.23 33.10 3.69
C PRO E 149 2.74 33.04 3.40
N ASP E 150 2.37 32.24 2.39
CA ASP E 150 0.96 32.08 2.04
C ASP E 150 0.25 31.07 2.94
N HIS E 151 0.14 31.38 4.23
CA HIS E 151 -0.53 30.52 5.19
C HIS E 151 -1.75 31.23 5.75
N VAL E 152 -2.83 31.31 4.96
CA VAL E 152 -4.04 31.98 5.44
C VAL E 152 -5.34 31.20 5.23
N GLU E 153 -6.31 31.55 6.06
CA GLU E 153 -7.65 30.96 6.01
C GLU E 153 -8.60 32.12 6.23
N LEU E 154 -9.23 32.56 5.16
CA LEU E 154 -10.16 33.68 5.19
C LEU E 154 -11.59 33.19 5.32
N SER E 155 -12.40 33.87 6.13
CA SER E 155 -13.79 33.50 6.33
C SER E 155 -14.68 34.73 6.60
N TRP E 156 -15.95 34.61 6.24
CA TRP E 156 -16.92 35.69 6.43
C TRP E 156 -17.90 35.31 7.52
N TRP E 157 -18.25 36.26 8.36
CA TRP E 157 -19.17 36.00 9.45
C TRP E 157 -20.28 37.05 9.42
N VAL E 158 -21.53 36.59 9.32
CA VAL E 158 -22.64 37.53 9.33
C VAL E 158 -23.41 37.27 10.60
N ASN E 159 -23.54 38.30 11.42
CA ASN E 159 -24.22 38.18 12.71
C ASN E 159 -23.65 37.02 13.52
N GLY E 160 -22.32 37.02 13.63
CA GLY E 160 -21.61 36.02 14.41
C GLY E 160 -21.68 34.58 13.94
N LYS E 161 -22.21 34.33 12.75
CA LYS E 161 -22.32 32.97 12.23
C LYS E 161 -21.49 32.88 10.97
N GLU E 162 -20.62 31.88 10.88
CA GLU E 162 -19.80 31.76 9.69
C GLU E 162 -20.66 31.41 8.48
N VAL E 163 -20.49 32.19 7.44
CA VAL E 163 -21.27 32.07 6.21
C VAL E 163 -20.48 31.48 5.04
N HIS E 164 -21.17 30.71 4.20
CA HIS E 164 -20.55 30.08 3.04
C HIS E 164 -21.26 30.46 1.73
N SER E 165 -22.59 30.54 1.79
CA SER E 165 -23.37 30.91 0.61
C SER E 165 -23.12 32.39 0.31
N GLY E 166 -22.93 32.70 -0.97
CA GLY E 166 -22.70 34.07 -1.39
C GLY E 166 -21.25 34.50 -1.34
N VAL E 167 -20.39 33.56 -0.94
CA VAL E 167 -18.96 33.83 -0.81
C VAL E 167 -18.14 33.25 -1.95
N SER E 168 -17.11 33.99 -2.36
CA SER E 168 -16.18 33.53 -3.39
C SER E 168 -14.80 34.08 -3.04
N THR E 169 -13.89 33.18 -2.67
CA THR E 169 -12.54 33.57 -2.30
C THR E 169 -11.59 33.14 -3.42
N ASP E 170 -10.55 33.91 -3.64
CA ASP E 170 -9.58 33.56 -4.68
C ASP E 170 -8.94 32.23 -4.36
N PRO E 171 -8.80 31.35 -5.38
CA PRO E 171 -8.19 30.05 -5.20
C PRO E 171 -6.75 30.20 -4.74
N GLN E 172 -6.12 31.32 -5.10
CA GLN E 172 -4.75 31.58 -4.68
C GLN E 172 -4.39 33.07 -4.64
N PRO E 173 -3.40 33.42 -3.83
CA PRO E 173 -2.98 34.81 -3.70
C PRO E 173 -2.26 35.26 -4.96
N LEU E 174 -1.88 36.52 -4.98
CA LEU E 174 -1.12 37.03 -6.09
C LEU E 174 0.04 37.81 -5.46
N LYS E 175 1.24 37.62 -6.02
CA LYS E 175 2.44 38.30 -5.52
C LYS E 175 2.40 39.80 -5.80
N GLU E 176 2.69 40.58 -4.76
CA GLU E 176 2.72 42.03 -4.91
C GLU E 176 3.94 42.44 -5.73
N GLN E 177 4.97 41.61 -5.71
CA GLN E 177 6.19 41.84 -6.48
C GLN E 177 6.52 40.48 -7.09
N PRO E 178 5.87 40.16 -8.22
CA PRO E 178 6.01 38.91 -8.98
C PRO E 178 7.41 38.34 -9.14
N ALA E 179 8.35 39.19 -9.58
CA ALA E 179 9.73 38.76 -9.80
C ALA E 179 10.45 38.31 -8.53
N LEU E 180 10.21 39.01 -7.42
CA LEU E 180 10.84 38.67 -6.15
C LEU E 180 10.57 37.24 -5.64
N ASN E 181 11.59 36.67 -5.01
CA ASN E 181 11.49 35.32 -4.47
C ASN E 181 10.80 35.28 -3.10
N ASP E 182 10.94 36.37 -2.36
CA ASP E 182 10.33 36.52 -1.03
C ASP E 182 9.23 37.55 -1.21
N SER E 183 8.19 37.23 -1.95
CA SER E 183 7.18 38.23 -2.16
C SER E 183 5.97 38.08 -1.30
N ARG E 184 5.49 39.20 -0.75
CA ARG E 184 4.30 39.18 0.07
C ARG E 184 3.11 38.91 -0.85
N TYR E 185 2.04 38.40 -0.28
CA TYR E 185 0.83 38.08 -1.04
C TYR E 185 -0.37 38.95 -0.69
N SER E 186 -1.39 38.87 -1.53
CA SER E 186 -2.64 39.57 -1.31
C SER E 186 -3.74 38.62 -1.74
N LEU E 187 -4.83 38.59 -0.99
CA LEU E 187 -5.93 37.71 -1.30
C LEU E 187 -7.22 38.52 -1.19
N SER E 188 -8.17 38.25 -2.08
CA SER E 188 -9.43 38.96 -2.03
C SER E 188 -10.57 37.97 -1.93
N SER E 189 -11.72 38.44 -1.47
CA SER E 189 -12.89 37.59 -1.36
C SER E 189 -14.16 38.42 -1.42
N ARG E 190 -15.23 37.79 -1.88
CA ARG E 190 -16.51 38.46 -1.98
C ARG E 190 -17.57 37.78 -1.14
N LEU E 191 -18.53 38.60 -0.71
CA LEU E 191 -19.67 38.14 0.05
C LEU E 191 -20.80 38.95 -0.56
N ARG E 192 -21.73 38.26 -1.23
CA ARG E 192 -22.85 38.96 -1.85
C ARG E 192 -24.16 38.63 -1.16
N VAL E 193 -24.85 39.67 -0.74
CA VAL E 193 -26.13 39.52 -0.08
C VAL E 193 -27.17 40.37 -0.82
N SER E 194 -28.44 40.24 -0.44
CA SER E 194 -29.48 41.04 -1.07
C SER E 194 -29.35 42.49 -0.56
N ALA E 195 -29.87 43.42 -1.34
CA ALA E 195 -29.81 44.83 -0.96
C ALA E 195 -30.50 45.02 0.39
N THR E 196 -31.66 44.42 0.54
CA THR E 196 -32.41 44.55 1.77
C THR E 196 -31.54 44.20 2.97
N PHE E 197 -30.90 43.04 2.90
CA PHE E 197 -30.06 42.55 3.96
C PHE E 197 -28.96 43.54 4.35
N TRP E 198 -28.33 44.15 3.35
CA TRP E 198 -27.26 45.12 3.59
C TRP E 198 -27.77 46.46 4.10
N GLN E 199 -28.99 46.83 3.72
CA GLN E 199 -29.55 48.11 4.14
C GLN E 199 -30.08 48.05 5.57
N ASN E 200 -29.94 46.89 6.19
CA ASN E 200 -30.39 46.72 7.57
C ASN E 200 -29.21 46.98 8.54
N PRO E 201 -29.19 48.16 9.17
CA PRO E 201 -28.12 48.54 10.11
C PRO E 201 -27.88 47.55 11.23
N ARG E 202 -28.84 46.66 11.46
CA ARG E 202 -28.67 45.66 12.50
C ARG E 202 -27.68 44.55 12.10
N ASN E 203 -27.60 44.24 10.80
CA ASN E 203 -26.69 43.21 10.33
C ASN E 203 -25.21 43.60 10.39
N HIS E 204 -24.42 42.69 10.93
CA HIS E 204 -22.98 42.88 11.12
C HIS E 204 -22.20 41.90 10.22
N PHE E 205 -21.22 42.43 9.50
CA PHE E 205 -20.42 41.64 8.59
C PHE E 205 -18.96 41.72 8.99
N ARG E 206 -18.32 40.56 9.11
CA ARG E 206 -16.91 40.54 9.47
C ARG E 206 -16.12 39.62 8.56
N CYS E 207 -15.00 40.14 8.08
CA CYS E 207 -14.08 39.37 7.25
C CYS E 207 -12.92 39.03 8.18
N GLN E 208 -12.72 37.74 8.39
CA GLN E 208 -11.69 37.26 9.28
C GLN E 208 -10.61 36.44 8.59
N VAL E 209 -9.36 36.75 8.89
CA VAL E 209 -8.26 36.01 8.32
C VAL E 209 -7.37 35.43 9.39
N GLN E 210 -7.21 34.12 9.40
CA GLN E 210 -6.31 33.54 10.37
C GLN E 210 -4.97 33.38 9.63
N PHE E 211 -3.91 33.91 10.22
CA PHE E 211 -2.59 33.83 9.61
C PHE E 211 -1.74 32.91 10.47
N TYR E 212 -1.09 31.95 9.83
CA TYR E 212 -0.24 31.02 10.56
C TYR E 212 1.20 31.43 10.31
N GLY E 213 1.89 31.87 11.35
CA GLY E 213 3.27 32.34 11.18
C GLY E 213 4.30 31.64 12.04
N LEU E 214 5.14 32.42 12.71
CA LEU E 214 6.17 31.86 13.56
C LEU E 214 5.53 31.33 14.82
N SER E 215 6.21 30.39 15.47
CA SER E 215 5.71 29.81 16.71
C SER E 215 6.40 30.39 17.95
N GLU E 216 5.93 29.98 19.13
CA GLU E 216 6.47 30.44 20.40
C GLU E 216 7.97 30.16 20.54
N ASN E 217 8.40 29.07 19.92
CA ASN E 217 9.79 28.64 19.97
C ASN E 217 10.71 29.43 19.04
N ASP E 218 10.16 29.98 17.96
CA ASP E 218 10.99 30.75 17.04
C ASP E 218 11.59 31.96 17.73
N GLU E 219 12.85 32.24 17.41
CA GLU E 219 13.52 33.36 18.02
C GLU E 219 13.24 34.63 17.23
N TRP E 220 13.07 35.74 17.95
CA TRP E 220 12.78 37.01 17.30
C TRP E 220 13.45 38.15 18.01
N THR E 221 14.07 39.03 17.23
CA THR E 221 14.75 40.19 17.81
C THR E 221 14.63 41.43 16.95
N GLN E 222 13.65 41.47 16.06
CA GLN E 222 13.46 42.66 15.24
C GLN E 222 12.44 43.52 15.99
N ASP E 223 12.52 44.84 15.79
CA ASP E 223 11.62 45.77 16.47
C ASP E 223 10.15 45.47 16.33
N ARG E 224 9.71 45.16 15.11
CA ARG E 224 8.29 44.91 14.90
C ARG E 224 7.78 43.72 15.68
N ALA E 225 6.48 43.67 15.88
CA ALA E 225 5.87 42.56 16.60
C ALA E 225 6.28 41.27 15.89
N LYS E 226 6.52 40.22 16.67
CA LYS E 226 6.89 38.93 16.11
C LYS E 226 5.70 38.46 15.28
N PRO E 227 5.95 37.96 14.05
CA PRO E 227 4.96 37.46 13.09
C PRO E 227 4.39 36.11 13.49
N VAL E 228 3.73 36.07 14.63
CA VAL E 228 3.16 34.84 15.13
C VAL E 228 1.80 34.58 14.51
N THR E 229 1.32 33.35 14.67
CA THR E 229 0.02 32.94 14.17
C THR E 229 -0.98 33.86 14.83
N GLN E 230 -1.90 34.41 14.05
CA GLN E 230 -2.86 35.34 14.62
C GLN E 230 -4.07 35.53 13.73
N ILE E 231 -5.09 36.13 14.30
CA ILE E 231 -6.34 36.41 13.62
C ILE E 231 -6.44 37.91 13.36
N VAL E 232 -6.69 38.27 12.11
CA VAL E 232 -6.83 39.65 11.72
C VAL E 232 -8.20 39.74 11.04
N SER E 233 -9.02 40.70 11.50
CA SER E 233 -10.35 40.87 10.93
C SER E 233 -10.67 42.33 10.72
N ALA E 234 -11.71 42.59 9.95
CA ALA E 234 -12.18 43.93 9.67
C ALA E 234 -13.69 43.77 9.62
N GLU E 235 -14.45 44.82 9.94
CA GLU E 235 -15.90 44.70 9.96
C GLU E 235 -16.64 45.90 9.37
N ALA E 236 -17.92 45.69 9.11
CA ALA E 236 -18.77 46.72 8.57
C ALA E 236 -20.20 46.43 8.95
N TRP E 237 -21.01 47.49 9.07
CA TRP E 237 -22.39 47.31 9.43
C TRP E 237 -23.29 47.70 8.29
N GLY E 238 -24.47 47.09 8.26
CA GLY E 238 -25.43 47.42 7.23
C GLY E 238 -25.64 48.92 7.25
N ARG E 239 -25.98 49.48 6.11
CA ARG E 239 -26.17 50.93 6.00
C ARG E 239 -27.32 51.25 5.04
N ALA E 240 -28.21 52.16 5.43
CA ALA E 240 -29.31 52.54 4.56
C ALA E 240 -28.99 53.87 3.89
#